data_8HT2
#
_entry.id   8HT2
#
_cell.length_a   79.395
_cell.length_b   176.766
_cell.length_c   56.139
_cell.angle_alpha   90.000
_cell.angle_beta   90.000
_cell.angle_gamma   90.000
#
_symmetry.space_group_name_H-M   'P 21 21 2'
#
loop_
_entity.id
_entity.type
_entity.pdbx_description
1 polymer 'Acetylornithine aminotransferase'
2 water water
#
_entity_poly.entity_id   1
_entity_poly.type   'polypeptide(L)'
_entity_poly.pdbx_seq_one_letter_code
;MSTLETWPQVIINTYGTPPVELVSGKGATVTDDQGNVYIDLLAGIAVNALGHAHPAIIEAVTNQIGQLGHVSNLFASRPV
VEVAEELIKRFSLDDATLAAQTRVFFCNSGAEANEAAFKIARLTGRSRILAAVHGFHGRTMGSLALTGQPDKREAFLPMP
SGVEFYPYGDTDYLRKMVETNPTDVAAIFLEPIQGETGVVPAPEGFLKAVRELCDEYGILMITDEVQTGVGRTGDFFAHQ
HDGVVPDVVTMAKGLGGGLPIGACLATGRAAELMTPGKHGTTFGGNPVACAAAKAVLSVVDDAFCAEVARKGELFKELLA
KVDGVVDVRGRGLMLGVVLERDVAKQAVLDGFKHGVILNAPADNIIRLTPPLVITDEEIADAVKAIAETIALEHHHHHH
;
_entity_poly.pdbx_strand_id   A,B
#
# COMPACT_ATOMS: atom_id res chain seq x y z
N PRO A 19 -21.82 -7.94 8.62
CA PRO A 19 -22.09 -6.50 8.74
C PRO A 19 -23.12 -6.01 7.70
N VAL A 20 -22.66 -5.56 6.51
CA VAL A 20 -23.48 -5.03 5.38
C VAL A 20 -22.62 -5.06 4.11
N GLU A 21 -23.19 -5.44 2.95
CA GLU A 21 -22.55 -5.36 1.62
C GLU A 21 -23.09 -4.12 0.88
N LEU A 22 -22.26 -3.09 0.73
CA LEU A 22 -22.53 -1.88 -0.09
C LEU A 22 -22.18 -2.21 -1.54
N VAL A 23 -22.91 -1.64 -2.53
CA VAL A 23 -22.90 -2.07 -3.96
C VAL A 23 -22.82 -0.88 -4.92
N SER A 24 -23.29 0.31 -4.55
CA SER A 24 -23.09 1.54 -5.37
C SER A 24 -23.42 2.81 -4.56
N GLY A 25 -22.77 3.91 -4.94
CA GLY A 25 -22.89 5.20 -4.25
C GLY A 25 -22.79 6.38 -5.19
N LYS A 26 -23.19 7.55 -4.68
CA LYS A 26 -23.08 8.88 -5.34
C LYS A 26 -23.12 9.95 -4.24
N GLY A 27 -22.43 11.07 -4.45
CA GLY A 27 -22.34 12.18 -3.48
C GLY A 27 -22.16 11.66 -2.07
N ALA A 28 -23.12 11.96 -1.20
CA ALA A 28 -23.07 11.63 0.25
C ALA A 28 -23.92 10.37 0.57
N THR A 29 -24.23 9.53 -0.45
CA THR A 29 -25.10 8.33 -0.31
C THR A 29 -24.35 7.07 -0.74
N VAL A 30 -24.69 5.95 -0.10
CA VAL A 30 -24.40 4.55 -0.55
C VAL A 30 -25.68 3.76 -0.42
N THR A 31 -25.72 2.64 -1.13
CA THR A 31 -26.85 1.70 -1.16
C THR A 31 -26.31 0.30 -0.86
N ASP A 32 -27.01 -0.46 -0.01
CA ASP A 32 -26.64 -1.88 0.28
C ASP A 32 -27.42 -2.80 -0.67
N ASP A 33 -26.95 -4.04 -0.78
CA ASP A 33 -27.57 -5.13 -1.60
C ASP A 33 -28.96 -5.47 -1.06
N GLN A 34 -29.20 -5.21 0.23
CA GLN A 34 -30.56 -5.28 0.85
C GLN A 34 -31.48 -4.26 0.19
N GLY A 35 -30.93 -3.19 -0.39
CA GLY A 35 -31.68 -2.11 -1.07
C GLY A 35 -31.71 -0.83 -0.25
N ASN A 36 -31.19 -0.85 0.97
CA ASN A 36 -31.19 0.31 1.90
C ASN A 36 -30.25 1.39 1.38
N VAL A 37 -30.69 2.64 1.48
CA VAL A 37 -29.94 3.85 1.04
C VAL A 37 -29.65 4.65 2.31
N TYR A 38 -28.40 5.11 2.41
CA TYR A 38 -27.80 5.76 3.59
C TYR A 38 -27.21 7.12 3.21
N ILE A 39 -27.10 7.98 4.23
CA ILE A 39 -26.24 9.18 4.24
C ILE A 39 -24.91 8.74 4.84
N ASP A 40 -23.89 8.62 4.00
CA ASP A 40 -22.48 8.30 4.35
C ASP A 40 -21.89 9.53 5.03
N LEU A 41 -21.69 9.50 6.35
CA LEU A 41 -20.97 10.59 7.06
C LEU A 41 -19.58 10.09 7.49
N LEU A 42 -19.14 8.95 6.95
CA LEU A 42 -17.84 8.34 7.34
C LEU A 42 -16.90 8.28 6.13
N ALA A 43 -17.45 8.38 4.92
CA ALA A 43 -16.67 8.33 3.65
C ALA A 43 -15.56 7.29 3.71
N GLY A 44 -15.87 6.08 4.15
CA GLY A 44 -14.85 5.00 4.24
C GLY A 44 -13.64 5.49 4.99
N ILE A 45 -13.82 5.98 6.21
CA ILE A 45 -12.75 6.63 7.03
C ILE A 45 -12.02 7.67 6.17
N ALA A 46 -12.80 8.59 5.60
CA ALA A 46 -12.34 9.90 5.09
C ALA A 46 -11.49 9.74 3.83
N VAL A 47 -11.84 8.74 3.01
CA VAL A 47 -11.09 8.44 1.76
C VAL A 47 -11.91 9.01 0.60
N ASN A 48 -13.22 8.78 0.61
CA ASN A 48 -14.08 9.21 -0.52
C ASN A 48 -14.38 10.70 -0.41
N ALA A 49 -13.42 11.55 -0.77
CA ALA A 49 -13.52 13.01 -0.68
C ALA A 49 -14.64 13.49 -1.60
N LEU A 50 -14.70 12.98 -2.83
CA LEU A 50 -15.69 13.38 -3.87
C LEU A 50 -16.82 12.35 -3.96
N GLY A 51 -16.99 11.54 -2.92
CA GLY A 51 -18.01 10.49 -2.88
C GLY A 51 -17.68 9.40 -3.88
N HIS A 52 -18.66 8.51 -4.06
CA HIS A 52 -18.52 7.42 -5.03
C HIS A 52 -19.09 7.87 -6.37
N ALA A 53 -18.60 7.30 -7.46
CA ALA A 53 -19.10 7.55 -8.83
C ALA A 53 -18.99 9.04 -9.21
N HIS A 54 -18.01 9.76 -8.67
CA HIS A 54 -17.79 11.15 -9.16
C HIS A 54 -17.40 11.06 -10.62
N PRO A 55 -18.12 11.80 -11.51
CA PRO A 55 -17.84 11.79 -12.94
C PRO A 55 -16.38 12.14 -13.33
N ALA A 56 -15.77 13.10 -12.63
CA ALA A 56 -14.37 13.56 -12.86
C ALA A 56 -13.41 12.39 -12.66
N ILE A 57 -13.66 11.53 -11.65
CA ILE A 57 -12.79 10.34 -11.35
C ILE A 57 -13.12 9.27 -12.38
N ILE A 58 -14.41 8.97 -12.59
CA ILE A 58 -14.84 7.96 -13.59
C ILE A 58 -14.05 8.21 -14.88
N GLU A 59 -13.97 9.47 -15.34
CA GLU A 59 -13.32 9.85 -16.63
C GLU A 59 -11.82 9.59 -16.54
N ALA A 60 -11.15 10.21 -15.58
CA ALA A 60 -9.71 10.02 -15.31
C ALA A 60 -9.35 8.53 -15.37
N VAL A 61 -9.97 7.73 -14.50
CA VAL A 61 -9.66 6.29 -14.28
C VAL A 61 -9.92 5.54 -15.59
N THR A 62 -11.10 5.71 -16.19
CA THR A 62 -11.44 5.07 -17.50
C THR A 62 -10.36 5.48 -18.50
N ASN A 63 -10.04 6.77 -18.55
CA ASN A 63 -9.14 7.30 -19.59
C ASN A 63 -7.76 6.63 -19.45
N GLN A 64 -7.24 6.56 -18.22
CA GLN A 64 -5.88 6.06 -17.90
C GLN A 64 -5.85 4.53 -18.06
N ILE A 65 -6.74 3.78 -17.40
CA ILE A 65 -6.85 2.31 -17.68
C ILE A 65 -7.33 2.26 -19.13
N GLY A 66 -6.55 1.71 -20.05
CA GLY A 66 -6.82 1.90 -21.49
C GLY A 66 -5.63 2.53 -22.20
N GLN A 67 -4.84 3.32 -21.49
CA GLN A 67 -3.59 3.89 -22.04
C GLN A 67 -2.42 3.12 -21.41
N LEU A 68 -2.38 3.04 -20.09
CA LEU A 68 -1.23 2.46 -19.35
C LEU A 68 -1.71 1.95 -17.99
N GLY A 69 -1.32 0.73 -17.63
CA GLY A 69 -1.68 0.18 -16.31
C GLY A 69 -0.67 0.58 -15.26
N HIS A 70 0.41 -0.18 -15.12
CA HIS A 70 1.47 0.19 -14.17
C HIS A 70 2.76 0.46 -14.94
N VAL A 71 3.52 1.41 -14.43
CA VAL A 71 4.91 1.67 -14.90
C VAL A 71 5.79 1.73 -13.66
N SER A 72 6.93 1.04 -13.74
CA SER A 72 7.98 0.98 -12.69
C SER A 72 8.64 2.34 -12.47
N ASN A 73 9.17 2.54 -11.26
CA ASN A 73 9.95 3.75 -10.88
C ASN A 73 11.12 3.96 -11.84
N LEU A 74 11.49 2.92 -12.59
CA LEU A 74 12.63 2.91 -13.54
C LEU A 74 12.29 3.76 -14.78
N PHE A 75 11.00 4.09 -14.99
CA PHE A 75 10.51 4.90 -16.13
C PHE A 75 9.63 6.05 -15.61
N ALA A 76 9.38 7.05 -16.46
CA ALA A 76 8.63 8.27 -16.10
C ALA A 76 7.24 8.19 -16.74
N SER A 77 6.21 8.62 -16.00
CA SER A 77 4.82 8.63 -16.51
C SER A 77 4.20 9.98 -16.18
N ARG A 78 3.36 10.52 -17.07
CA ARG A 78 2.81 11.88 -16.87
C ARG A 78 1.94 12.00 -15.62
N PRO A 79 0.89 11.19 -15.37
CA PRO A 79 0.01 11.40 -14.22
C PRO A 79 0.78 11.64 -12.91
N VAL A 80 1.84 10.89 -12.69
CA VAL A 80 2.66 11.04 -11.46
C VAL A 80 3.28 12.44 -11.38
N VAL A 81 4.11 12.84 -12.36
CA VAL A 81 4.81 14.17 -12.30
C VAL A 81 3.75 15.28 -12.27
N GLU A 82 2.67 15.13 -13.03
CA GLU A 82 1.52 16.07 -13.04
C GLU A 82 1.03 16.28 -11.60
N VAL A 83 0.80 15.18 -10.86
CA VAL A 83 0.30 15.18 -9.45
C VAL A 83 1.41 15.69 -8.51
N ALA A 84 2.64 15.17 -8.61
CA ALA A 84 3.80 15.63 -7.80
C ALA A 84 3.88 17.16 -7.85
N GLU A 85 3.93 17.73 -9.06
CA GLU A 85 4.04 19.18 -9.34
C GLU A 85 2.80 19.90 -8.78
N GLU A 86 1.59 19.33 -8.83
CA GLU A 86 0.36 20.02 -8.30
C GLU A 86 0.34 19.99 -6.78
N LEU A 87 0.85 18.93 -6.15
CA LEU A 87 0.89 18.86 -4.67
C LEU A 87 1.86 19.90 -4.12
N ILE A 88 3.08 19.96 -4.67
CA ILE A 88 4.15 20.93 -4.31
C ILE A 88 3.59 22.35 -4.37
N LYS A 89 2.86 22.69 -5.43
CA LYS A 89 2.19 24.01 -5.61
C LYS A 89 1.22 24.26 -4.46
N ARG A 90 0.39 23.28 -4.07
CA ARG A 90 -0.61 23.43 -3.00
C ARG A 90 0.07 23.49 -1.62
N PHE A 91 1.30 23.00 -1.52
CA PHE A 91 2.07 23.06 -0.25
C PHE A 91 2.91 24.34 -0.20
N SER A 92 3.48 24.74 -1.34
CA SER A 92 4.42 25.89 -1.37
C SER A 92 3.68 27.22 -1.24
N LEU A 93 2.35 27.21 -1.30
CA LEU A 93 1.52 28.43 -1.11
C LEU A 93 2.20 29.65 -1.72
N ASP A 94 2.52 29.59 -3.02
CA ASP A 94 3.18 30.71 -3.73
C ASP A 94 4.54 31.02 -3.09
N ASP A 95 5.49 30.09 -3.20
CA ASP A 95 6.88 30.33 -2.73
C ASP A 95 7.78 29.60 -3.73
N ALA A 96 8.22 30.29 -4.77
CA ALA A 96 9.00 29.66 -5.86
C ALA A 96 10.13 28.84 -5.23
N THR A 97 10.81 29.43 -4.23
CA THR A 97 12.04 28.87 -3.61
C THR A 97 11.64 27.61 -2.81
N LEU A 98 10.48 27.60 -2.14
CA LEU A 98 10.03 26.38 -1.40
C LEU A 98 9.76 25.23 -2.37
N ALA A 99 9.14 25.55 -3.51
CA ALA A 99 8.76 24.56 -4.53
C ALA A 99 9.98 23.84 -5.14
N ALA A 100 11.12 24.52 -5.29
CA ALA A 100 12.35 23.98 -5.92
C ALA A 100 13.11 23.11 -4.90
N GLN A 101 12.85 23.38 -3.62
CA GLN A 101 13.48 22.64 -2.50
C GLN A 101 12.70 21.34 -2.26
N THR A 102 11.40 21.32 -2.55
CA THR A 102 10.52 20.23 -2.10
C THR A 102 10.44 19.11 -3.14
N ARG A 103 10.13 17.88 -2.70
CA ARG A 103 9.96 16.69 -3.58
C ARG A 103 8.94 15.73 -2.92
N VAL A 104 8.32 14.83 -3.69
CA VAL A 104 7.27 13.87 -3.20
C VAL A 104 7.63 12.46 -3.64
N PHE A 105 7.42 11.47 -2.76
CA PHE A 105 7.57 10.01 -3.03
C PHE A 105 6.19 9.37 -2.95
N PHE A 106 5.79 8.61 -3.98
CA PHE A 106 4.45 7.98 -4.10
C PHE A 106 4.47 6.55 -3.55
N CYS A 107 3.40 6.16 -2.88
CA CYS A 107 3.19 4.80 -2.33
C CYS A 107 1.70 4.48 -2.37
N ASN A 108 1.25 3.41 -1.69
CA ASN A 108 -0.07 2.78 -1.92
C ASN A 108 -0.99 2.96 -0.71
N SER A 109 -0.45 3.49 0.38
CA SER A 109 -1.19 3.61 1.65
C SER A 109 -0.59 4.73 2.48
N GLY A 110 -1.30 5.15 3.52
CA GLY A 110 -0.77 6.12 4.49
C GLY A 110 0.20 5.45 5.45
N ALA A 111 -0.08 4.21 5.82
CA ALA A 111 0.92 3.45 6.60
C ALA A 111 2.26 3.44 5.86
N GLU A 112 2.22 3.21 4.55
CA GLU A 112 3.45 3.18 3.71
C GLU A 112 4.07 4.59 3.65
N ALA A 113 3.23 5.62 3.66
CA ALA A 113 3.71 7.02 3.60
C ALA A 113 4.40 7.39 4.91
N ASN A 114 3.84 6.94 6.02
CA ASN A 114 4.39 7.27 7.36
C ASN A 114 5.68 6.47 7.59
N GLU A 115 5.81 5.32 6.92
CA GLU A 115 7.02 4.48 7.06
C GLU A 115 8.17 5.14 6.30
N ALA A 116 7.84 5.87 5.24
CA ALA A 116 8.86 6.62 4.48
C ALA A 116 9.37 7.77 5.34
N ALA A 117 8.48 8.36 6.13
CA ALA A 117 8.88 9.43 7.06
C ALA A 117 9.73 8.86 8.19
N PHE A 118 9.39 7.66 8.68
CA PHE A 118 10.17 6.98 9.73
C PHE A 118 11.58 6.74 9.22
N LYS A 119 11.72 6.42 7.94
CA LYS A 119 13.05 6.12 7.36
C LYS A 119 13.80 7.43 7.19
N ILE A 120 13.13 8.49 6.78
CA ILE A 120 13.73 9.85 6.72
C ILE A 120 14.24 10.19 8.12
N ALA A 121 13.40 9.97 9.14
CA ALA A 121 13.75 10.16 10.56
C ALA A 121 14.99 9.31 10.85
N ARG A 122 14.98 8.06 10.42
CA ARG A 122 16.15 7.16 10.61
C ARG A 122 17.41 7.81 10.00
N LEU A 123 17.32 8.43 8.81
CA LEU A 123 18.50 8.89 8.00
C LEU A 123 19.16 10.15 8.59
N THR A 124 18.53 10.82 9.57
CA THR A 124 19.12 11.99 10.25
C THR A 124 20.39 11.55 10.96
N GLY A 125 20.37 10.37 11.56
CA GLY A 125 21.45 9.84 12.42
C GLY A 125 20.99 9.68 13.86
N ARG A 126 19.89 10.36 14.19
CA ARG A 126 19.42 10.44 15.59
C ARG A 126 18.46 9.28 15.92
N SER A 127 18.42 8.87 17.19
CA SER A 127 17.64 7.68 17.59
C SER A 127 16.26 8.04 18.10
N ARG A 128 16.05 9.27 18.55
CA ARG A 128 14.77 9.62 19.19
C ARG A 128 13.72 10.11 18.19
N ILE A 129 12.54 9.52 18.24
CA ILE A 129 11.39 9.92 17.39
C ILE A 129 10.22 10.08 18.36
N LEU A 130 9.64 11.28 18.35
CA LEU A 130 8.59 11.68 19.31
C LEU A 130 7.26 11.75 18.56
N ALA A 131 6.24 11.01 19.01
CA ALA A 131 4.91 11.00 18.38
C ALA A 131 3.85 11.18 19.45
N ALA A 132 2.65 11.62 19.06
CA ALA A 132 1.57 12.01 19.99
C ALA A 132 0.88 10.77 20.51
N VAL A 133 0.55 10.78 21.79
CA VAL A 133 -0.38 9.82 22.45
C VAL A 133 -1.68 9.93 21.66
N HIS A 134 -2.40 8.81 21.50
CA HIS A 134 -3.71 8.74 20.78
C HIS A 134 -3.51 8.90 19.27
N GLY A 135 -2.33 9.32 18.81
CA GLY A 135 -1.96 9.34 17.39
C GLY A 135 -2.09 7.95 16.80
N PHE A 136 -2.47 7.87 15.52
CA PHE A 136 -2.49 6.61 14.73
C PHE A 136 -1.90 6.86 13.35
N HIS A 137 -0.79 6.18 13.06
CA HIS A 137 0.02 6.41 11.84
C HIS A 137 -0.02 5.17 10.94
N GLY A 138 -0.72 4.12 11.34
CA GLY A 138 -0.91 2.90 10.51
C GLY A 138 -0.44 1.65 11.21
N ARG A 139 -0.64 0.48 10.59
CA ARG A 139 -0.51 -0.85 11.24
C ARG A 139 0.67 -1.66 10.65
N THR A 140 1.56 -1.00 9.89
CA THR A 140 2.81 -1.66 9.42
C THR A 140 3.85 -1.44 10.52
N MET A 141 4.81 -2.35 10.68
CA MET A 141 5.78 -2.30 11.81
C MET A 141 6.23 -0.88 12.18
N GLY A 142 6.81 -0.14 11.23
CA GLY A 142 7.32 1.20 11.54
C GLY A 142 6.20 2.18 11.84
N SER A 143 5.16 2.18 11.01
CA SER A 143 4.02 3.10 11.21
C SER A 143 3.29 2.72 12.50
N LEU A 144 3.36 1.45 12.91
CA LEU A 144 2.72 1.04 14.20
C LEU A 144 3.60 1.50 15.37
N ALA A 145 4.93 1.49 15.19
CA ALA A 145 5.91 1.99 16.19
C ALA A 145 5.62 3.45 16.54
N LEU A 146 4.97 4.20 15.64
CA LEU A 146 4.57 5.64 15.83
C LEU A 146 3.15 5.80 16.40
N THR A 147 2.35 4.73 16.43
CA THR A 147 0.92 4.76 16.84
C THR A 147 0.80 4.79 18.37
N GLY A 148 0.46 5.94 18.94
CA GLY A 148 0.32 6.13 20.40
C GLY A 148 -0.98 5.56 20.96
N GLN A 149 -1.42 4.38 20.48
CA GLN A 149 -2.40 3.54 21.21
C GLN A 149 -1.73 2.19 21.45
N PRO A 150 -1.21 1.94 22.68
CA PRO A 150 -0.47 0.71 22.99
C PRO A 150 -1.15 -0.67 22.78
N ASP A 151 -2.48 -0.79 22.83
CA ASP A 151 -3.14 -2.11 22.69
C ASP A 151 -2.95 -2.62 21.26
N LYS A 152 -2.72 -1.70 20.32
CA LYS A 152 -2.41 -2.00 18.90
C LYS A 152 -0.98 -2.56 18.75
N ARG A 153 -0.06 -2.32 19.70
CA ARG A 153 1.38 -2.71 19.55
C ARG A 153 1.68 -3.99 20.35
N GLU A 154 1.15 -4.11 21.56
CA GLU A 154 1.50 -5.23 22.47
C GLU A 154 1.66 -6.56 21.75
N ALA A 155 0.75 -6.90 20.85
CA ALA A 155 0.78 -8.23 20.20
C ALA A 155 1.96 -8.42 19.26
N PHE A 156 2.69 -7.36 18.91
CA PHE A 156 3.75 -7.48 17.89
C PHE A 156 5.05 -6.86 18.36
N LEU A 157 5.27 -6.86 19.67
CA LEU A 157 6.53 -6.36 20.25
C LEU A 157 7.56 -7.49 20.06
N PRO A 158 8.86 -7.24 19.82
CA PRO A 158 9.43 -5.89 19.76
C PRO A 158 9.10 -5.01 18.54
N MET A 159 9.05 -3.70 18.74
CA MET A 159 8.80 -2.74 17.64
C MET A 159 10.11 -2.17 17.15
N PRO A 160 10.16 -1.51 15.98
CA PRO A 160 11.36 -0.78 15.57
C PRO A 160 11.62 0.25 16.67
N SER A 161 12.82 0.25 17.24
CA SER A 161 13.10 1.14 18.40
C SER A 161 13.25 2.62 18.00
N GLY A 162 13.04 3.53 18.96
CA GLY A 162 13.27 4.96 18.68
C GLY A 162 12.17 5.82 19.26
N VAL A 163 10.96 5.27 19.33
CA VAL A 163 9.72 6.09 19.48
C VAL A 163 9.42 6.35 20.95
N GLU A 164 8.96 7.57 21.25
CA GLU A 164 8.49 8.05 22.58
C GLU A 164 7.25 8.91 22.35
N PHE A 165 6.42 9.08 23.37
CA PHE A 165 5.10 9.71 23.21
C PHE A 165 4.95 10.89 24.17
N TYR A 166 4.30 11.95 23.68
CA TYR A 166 3.92 13.18 24.43
C TYR A 166 2.41 13.31 24.43
N PRO A 167 1.77 13.92 25.46
CA PRO A 167 0.36 14.31 25.37
C PRO A 167 0.20 15.33 24.25
N TYR A 168 -0.83 15.17 23.41
CA TYR A 168 -1.03 16.00 22.19
C TYR A 168 -1.26 17.47 22.58
N GLY A 169 -0.39 18.38 22.13
CA GLY A 169 -0.55 19.84 22.28
C GLY A 169 0.03 20.39 23.57
N ASP A 170 0.70 19.55 24.37
CA ASP A 170 1.40 19.94 25.63
C ASP A 170 2.82 20.44 25.32
N THR A 171 2.94 21.69 24.88
CA THR A 171 4.22 22.34 24.46
C THR A 171 5.21 22.29 25.62
N ASP A 172 4.75 22.53 26.86
CA ASP A 172 5.65 22.60 28.05
C ASP A 172 6.32 21.25 28.21
N TYR A 173 5.56 20.16 28.07
CA TYR A 173 6.04 18.79 28.29
C TYR A 173 6.91 18.33 27.11
N LEU A 174 6.54 18.68 25.88
CA LEU A 174 7.38 18.43 24.68
C LEU A 174 8.77 19.04 24.91
N ARG A 175 8.86 20.34 25.20
CA ARG A 175 10.17 21.04 25.36
C ARG A 175 11.05 20.26 26.35
N LYS A 176 10.50 19.91 27.52
CA LYS A 176 11.26 19.17 28.55
C LYS A 176 11.73 17.83 27.96
N MET A 177 10.81 17.13 27.27
CA MET A 177 11.06 15.81 26.63
C MET A 177 12.22 15.95 25.62
N VAL A 178 12.15 16.93 24.73
CA VAL A 178 13.26 17.23 23.78
C VAL A 178 14.51 17.58 24.58
N GLU A 179 14.36 18.36 25.63
CA GLU A 179 15.54 18.97 26.30
C GLU A 179 16.26 17.94 27.17
N THR A 180 15.64 16.79 27.50
CA THR A 180 16.33 15.60 28.11
C THR A 180 17.48 15.13 27.21
N ASN A 181 17.36 15.29 25.87
CA ASN A 181 18.41 14.90 24.89
C ASN A 181 18.12 15.49 23.51
N PRO A 182 18.23 16.83 23.33
CA PRO A 182 17.68 17.49 22.15
C PRO A 182 18.37 17.12 20.83
N THR A 183 19.70 16.96 20.85
CA THR A 183 20.49 16.68 19.63
C THR A 183 20.40 15.21 19.22
N ASP A 184 19.50 14.45 19.83
CA ASP A 184 19.27 13.05 19.40
C ASP A 184 17.82 12.90 18.99
N VAL A 185 17.09 14.01 18.88
CA VAL A 185 15.70 13.93 18.35
C VAL A 185 15.75 14.13 16.84
N ALA A 186 15.40 13.11 16.07
CA ALA A 186 15.44 13.09 14.60
C ALA A 186 14.23 13.83 14.07
N ALA A 187 13.09 13.56 14.69
CA ALA A 187 11.74 13.80 14.13
C ALA A 187 10.72 13.97 15.25
N ILE A 188 9.74 14.86 15.02
CA ILE A 188 8.50 14.96 15.83
C ILE A 188 7.30 14.80 14.91
N PHE A 189 6.60 13.68 15.08
CA PHE A 189 5.34 13.32 14.40
C PHE A 189 4.21 13.97 15.17
N LEU A 190 3.15 14.34 14.44
CA LEU A 190 2.05 15.20 14.93
C LEU A 190 0.97 15.24 13.84
N GLU A 191 -0.29 15.01 14.22
CA GLU A 191 -1.48 15.13 13.35
C GLU A 191 -2.05 16.52 13.61
N PRO A 192 -2.21 17.40 12.59
CA PRO A 192 -2.79 18.73 12.80
C PRO A 192 -4.12 18.70 13.56
N ILE A 193 -4.98 17.71 13.28
CA ILE A 193 -6.17 17.41 14.12
C ILE A 193 -6.20 15.90 14.40
N GLN A 194 -6.18 15.50 15.67
CA GLN A 194 -6.30 14.06 16.03
C GLN A 194 -7.71 13.59 15.66
N GLY A 195 -7.82 12.39 15.07
CA GLY A 195 -9.08 11.74 14.67
C GLY A 195 -9.44 10.60 15.60
N GLU A 196 -8.48 9.70 15.85
CA GLU A 196 -8.64 8.55 16.79
C GLU A 196 -9.16 9.05 18.14
N THR A 197 -10.01 8.26 18.80
CA THR A 197 -10.48 8.47 20.21
C THR A 197 -11.24 9.79 20.40
N GLY A 198 -11.52 10.53 19.32
CA GLY A 198 -12.13 11.87 19.38
C GLY A 198 -11.45 12.84 18.43
N VAL A 199 -12.10 13.98 18.15
CA VAL A 199 -11.54 15.01 17.23
C VAL A 199 -11.00 16.15 18.08
N VAL A 200 -9.68 16.18 18.27
CA VAL A 200 -8.99 17.29 18.97
C VAL A 200 -8.07 17.95 17.97
N PRO A 201 -8.37 19.20 17.57
CA PRO A 201 -7.42 20.03 16.83
C PRO A 201 -6.25 20.57 17.67
N ALA A 202 -5.12 20.84 17.04
CA ALA A 202 -3.92 21.43 17.68
C ALA A 202 -4.33 22.70 18.41
N PRO A 203 -3.96 22.90 19.70
CA PRO A 203 -4.32 24.13 20.40
C PRO A 203 -3.65 25.34 19.75
N GLU A 204 -4.20 26.53 19.98
CA GLU A 204 -3.65 27.82 19.49
C GLU A 204 -2.13 27.79 19.70
N GLY A 205 -1.36 28.07 18.65
CA GLY A 205 0.11 28.26 18.68
C GLY A 205 0.89 26.98 18.98
N PHE A 206 0.25 25.80 18.92
CA PHE A 206 0.90 24.51 19.22
C PHE A 206 1.86 24.17 18.08
N LEU A 207 1.33 24.06 16.87
CA LEU A 207 2.17 23.77 15.69
C LEU A 207 3.30 24.81 15.63
N LYS A 208 2.98 26.10 15.87
CA LYS A 208 3.95 27.24 15.93
C LYS A 208 5.14 26.89 16.84
N ALA A 209 4.84 26.52 18.08
CA ALA A 209 5.82 26.15 19.12
C ALA A 209 6.70 25.02 18.61
N VAL A 210 6.09 24.00 18.00
CA VAL A 210 6.77 22.75 17.57
C VAL A 210 7.71 23.11 16.42
N ARG A 211 7.30 24.01 15.54
CA ARG A 211 8.15 24.49 14.44
C ARG A 211 9.38 25.20 15.02
N GLU A 212 9.17 26.06 16.03
CA GLU A 212 10.24 26.85 16.69
C GLU A 212 11.19 25.90 17.43
N LEU A 213 10.63 25.03 18.28
CA LEU A 213 11.36 24.02 19.08
C LEU A 213 12.17 23.10 18.17
N CYS A 214 11.66 22.79 16.98
CA CYS A 214 12.33 21.93 15.99
C CYS A 214 13.51 22.67 15.36
N ASP A 215 13.33 23.98 15.12
CA ASP A 215 14.23 24.81 14.27
C ASP A 215 15.59 24.93 14.93
N GLU A 216 15.65 25.31 16.22
CA GLU A 216 16.82 25.06 17.11
C GLU A 216 16.79 23.58 17.45
N TYR A 217 17.95 22.93 17.55
CA TYR A 217 18.07 21.47 17.78
C TYR A 217 17.96 20.67 16.47
N GLY A 218 17.70 21.33 15.33
CA GLY A 218 17.88 20.71 14.01
C GLY A 218 17.01 19.48 13.80
N ILE A 219 15.78 19.53 14.29
CA ILE A 219 14.83 18.37 14.34
C ILE A 219 13.87 18.45 13.14
N LEU A 220 13.41 17.31 12.63
CA LEU A 220 12.42 17.28 11.51
C LEU A 220 11.00 17.35 12.05
N MET A 221 10.25 18.37 11.62
CA MET A 221 8.82 18.53 11.95
C MET A 221 8.04 17.80 10.86
N ILE A 222 7.24 16.82 11.28
CA ILE A 222 6.56 15.84 10.37
C ILE A 222 5.07 15.86 10.68
N THR A 223 4.24 16.30 9.73
CA THR A 223 2.77 16.36 9.87
C THR A 223 2.17 15.18 9.11
N ASP A 224 1.49 14.28 9.81
CA ASP A 224 0.67 13.23 9.20
C ASP A 224 -0.70 13.86 8.90
N GLU A 225 -0.97 14.11 7.62
CA GLU A 225 -2.24 14.62 7.08
C GLU A 225 -2.92 13.53 6.24
N VAL A 226 -2.82 12.27 6.68
CA VAL A 226 -3.42 11.11 5.98
C VAL A 226 -4.94 11.16 6.20
N GLN A 227 -5.36 11.76 7.29
CA GLN A 227 -6.81 11.89 7.54
C GLN A 227 -7.24 13.36 7.38
N THR A 228 -6.34 14.31 7.54
CA THR A 228 -6.73 15.74 7.52
C THR A 228 -6.38 16.41 6.20
N GLY A 229 -6.12 15.66 5.16
CA GLY A 229 -5.64 16.27 3.90
C GLY A 229 -6.71 16.45 2.85
N VAL A 230 -6.34 17.00 1.68
CA VAL A 230 -7.26 17.26 0.54
C VAL A 230 -8.44 18.18 0.86
N GLY A 231 -8.30 19.07 1.84
CA GLY A 231 -9.34 20.08 2.06
C GLY A 231 -10.40 19.73 3.07
N ARG A 232 -10.35 18.54 3.67
CA ARG A 232 -11.37 18.06 4.62
C ARG A 232 -11.52 19.03 5.80
N THR A 233 -10.45 19.71 6.20
CA THR A 233 -10.52 20.58 7.39
C THR A 233 -10.79 22.03 7.00
N GLY A 234 -11.01 22.30 5.72
CA GLY A 234 -11.30 23.66 5.25
C GLY A 234 -10.07 24.28 4.61
N ASP A 235 -8.91 23.70 4.86
CA ASP A 235 -7.66 24.17 4.23
C ASP A 235 -7.07 22.96 3.50
N PHE A 236 -6.54 23.16 2.31
CA PHE A 236 -6.05 22.02 1.49
C PHE A 236 -5.08 21.15 2.29
N PHE A 237 -4.21 21.76 3.12
CA PHE A 237 -3.46 21.09 4.21
C PHE A 237 -3.87 21.76 5.52
N ALA A 238 -4.30 20.96 6.50
CA ALA A 238 -4.75 21.42 7.83
C ALA A 238 -3.65 22.24 8.50
N HIS A 239 -2.39 21.89 8.29
CA HIS A 239 -1.23 22.55 8.94
C HIS A 239 -1.10 24.00 8.42
N GLN A 240 -1.54 24.29 7.19
CA GLN A 240 -1.45 25.65 6.57
C GLN A 240 -2.33 26.66 7.33
N HIS A 241 -3.29 26.18 8.11
CA HIS A 241 -4.24 26.98 8.93
C HIS A 241 -3.50 27.71 10.06
N ASP A 242 -2.29 27.25 10.40
CA ASP A 242 -1.44 27.81 11.48
C ASP A 242 -0.14 28.36 10.86
N GLY A 243 -0.12 28.59 9.55
CA GLY A 243 1.00 29.21 8.80
C GLY A 243 2.36 28.60 9.12
N VAL A 244 2.43 27.31 9.48
CA VAL A 244 3.71 26.56 9.70
C VAL A 244 4.08 25.82 8.42
N VAL A 245 5.38 25.63 8.21
CA VAL A 245 5.95 24.86 7.07
C VAL A 245 6.77 23.73 7.67
N PRO A 246 6.20 22.50 7.80
CA PRO A 246 6.94 21.36 8.30
C PRO A 246 7.95 20.87 7.24
N ASP A 247 8.86 20.00 7.69
CA ASP A 247 9.91 19.44 6.83
C ASP A 247 9.34 18.29 5.99
N VAL A 248 8.28 17.63 6.51
CA VAL A 248 7.71 16.38 5.95
C VAL A 248 6.20 16.34 6.17
N VAL A 249 5.41 16.19 5.10
CA VAL A 249 3.93 15.97 5.17
C VAL A 249 3.62 14.62 4.53
N THR A 250 2.97 13.73 5.29
CA THR A 250 2.42 12.44 4.80
C THR A 250 0.91 12.61 4.58
N MET A 251 0.46 12.12 3.42
CA MET A 251 -0.98 12.22 3.04
C MET A 251 -1.34 10.96 2.26
N ALA A 252 -2.64 10.65 2.15
CA ALA A 252 -3.12 9.47 1.40
C ALA A 252 -4.62 9.58 1.18
N LYS A 253 -5.40 8.77 1.89
CA LYS A 253 -6.89 8.77 1.81
C LYS A 253 -7.44 10.15 1.42
N GLY A 254 -8.03 10.24 0.25
CA GLY A 254 -8.56 11.52 -0.24
C GLY A 254 -7.92 11.89 -1.55
N LEU A 255 -6.59 11.80 -1.61
CA LEU A 255 -5.81 12.11 -2.84
C LEU A 255 -6.36 11.24 -3.97
N GLY A 256 -6.35 9.93 -3.79
CA GLY A 256 -7.00 9.05 -4.76
C GLY A 256 -8.47 9.05 -4.42
N GLY A 257 -9.35 9.10 -5.40
CA GLY A 257 -10.78 9.25 -5.08
C GLY A 257 -11.23 8.17 -4.15
N GLY A 258 -11.04 6.94 -4.56
CA GLY A 258 -11.33 5.78 -3.69
C GLY A 258 -10.26 4.82 -4.08
N LEU A 259 -9.39 5.29 -4.97
CA LEU A 259 -8.29 4.42 -5.45
C LEU A 259 -7.14 4.44 -4.44
N PRO A 260 -6.36 3.35 -4.21
CA PRO A 260 -5.33 3.40 -3.17
C PRO A 260 -4.06 4.14 -3.62
N ILE A 261 -3.59 5.01 -2.72
CA ILE A 261 -2.46 5.97 -2.93
C ILE A 261 -1.91 6.36 -1.56
N GLY A 262 -0.62 6.69 -1.50
CA GLY A 262 -0.04 7.54 -0.46
C GLY A 262 1.02 8.45 -1.04
N ALA A 263 1.47 9.43 -0.26
CA ALA A 263 2.56 10.34 -0.65
C ALA A 263 3.26 10.88 0.59
N CYS A 264 4.55 11.21 0.43
CA CYS A 264 5.45 11.82 1.43
C CYS A 264 6.12 13.05 0.80
N LEU A 265 5.69 14.26 1.19
CA LEU A 265 6.32 15.56 0.80
C LEU A 265 7.45 15.84 1.78
N ALA A 266 8.57 16.32 1.26
CA ALA A 266 9.73 16.71 2.07
C ALA A 266 10.35 17.94 1.40
N THR A 267 10.74 18.92 2.20
CA THR A 267 11.42 20.14 1.69
C THR A 267 12.72 20.30 2.45
N GLY A 268 13.77 20.77 1.79
CA GLY A 268 15.01 21.10 2.51
C GLY A 268 15.92 19.93 2.85
N ARG A 269 16.31 19.79 4.10
CA ARG A 269 17.26 18.72 4.43
C ARG A 269 16.51 17.41 4.28
N ALA A 270 15.22 17.44 4.55
CA ALA A 270 14.46 16.19 4.54
C ALA A 270 14.40 15.62 3.12
N ALA A 271 14.39 16.49 2.12
CA ALA A 271 14.26 15.98 0.73
C ALA A 271 15.59 15.43 0.27
N GLU A 272 16.69 15.93 0.86
CA GLU A 272 18.04 15.52 0.43
C GLU A 272 18.35 14.16 1.02
N LEU A 273 17.74 13.84 2.16
CA LEU A 273 18.04 12.57 2.84
C LEU A 273 17.45 11.42 2.03
N MET A 274 16.34 11.65 1.34
CA MET A 274 15.65 10.56 0.60
C MET A 274 16.06 10.59 -0.88
N THR A 275 17.31 10.27 -1.18
CA THR A 275 17.82 10.33 -2.57
C THR A 275 18.52 9.01 -2.92
N GLY A 285 -0.86 1.07 -11.46
CA GLY A 285 -1.18 1.34 -10.06
C GLY A 285 -0.99 2.79 -9.80
N ASN A 286 0.27 3.21 -9.71
CA ASN A 286 0.59 4.65 -9.58
C ASN A 286 -0.10 5.41 -10.72
N PRO A 287 0.13 5.15 -12.02
CA PRO A 287 -0.50 5.97 -13.05
C PRO A 287 -2.02 6.07 -12.92
N VAL A 288 -2.70 4.99 -12.56
CA VAL A 288 -4.19 4.99 -12.49
C VAL A 288 -4.65 5.64 -11.19
N ALA A 289 -3.91 5.48 -10.11
CA ALA A 289 -4.25 6.17 -8.86
C ALA A 289 -3.85 7.65 -8.97
N CYS A 290 -2.78 7.95 -9.70
CA CYS A 290 -2.39 9.36 -9.92
C CYS A 290 -3.40 9.98 -10.89
N ALA A 291 -3.88 9.21 -11.86
CA ALA A 291 -4.98 9.65 -12.75
C ALA A 291 -6.19 10.09 -11.92
N ALA A 292 -6.58 9.30 -10.92
CA ALA A 292 -7.71 9.60 -10.01
C ALA A 292 -7.35 10.77 -9.09
N ALA A 293 -6.09 10.85 -8.66
CA ALA A 293 -5.51 11.97 -7.86
C ALA A 293 -5.68 13.30 -8.59
N LYS A 294 -5.24 13.37 -9.85
CA LYS A 294 -5.32 14.57 -10.74
C LYS A 294 -6.73 15.14 -10.73
N ALA A 295 -7.74 14.28 -10.90
CA ALA A 295 -9.18 14.66 -10.93
C ALA A 295 -9.61 15.30 -9.61
N VAL A 296 -9.18 14.74 -8.47
CA VAL A 296 -9.60 15.24 -7.12
C VAL A 296 -9.00 16.64 -6.92
N LEU A 297 -7.69 16.81 -7.17
CA LEU A 297 -6.99 18.12 -7.15
C LEU A 297 -7.65 19.07 -8.15
N SER A 298 -7.99 18.60 -9.35
CA SER A 298 -8.78 19.37 -10.35
C SER A 298 -10.05 19.90 -9.71
N VAL A 299 -10.74 19.09 -8.91
CA VAL A 299 -12.07 19.41 -8.31
C VAL A 299 -11.81 20.26 -7.07
N VAL A 300 -10.82 19.94 -6.26
CA VAL A 300 -10.61 20.58 -4.91
C VAL A 300 -9.75 21.85 -5.06
N ASP A 301 -10.44 22.97 -5.36
CA ASP A 301 -9.94 24.37 -5.51
C ASP A 301 -9.61 24.99 -4.14
N ASP A 302 -9.04 26.20 -4.12
CA ASP A 302 -9.09 27.13 -2.96
C ASP A 302 -10.56 27.35 -2.60
N ALA A 303 -11.41 27.51 -3.62
CA ALA A 303 -12.87 27.80 -3.52
C ALA A 303 -13.63 26.60 -2.92
N PHE A 304 -13.33 25.38 -3.36
CA PHE A 304 -13.91 24.12 -2.81
C PHE A 304 -13.60 24.05 -1.30
N CYS A 305 -12.31 24.20 -0.95
CA CYS A 305 -11.89 24.14 0.47
C CYS A 305 -12.70 25.14 1.27
N ALA A 306 -12.95 26.34 0.72
CA ALA A 306 -13.76 27.39 1.36
C ALA A 306 -15.17 26.85 1.65
N GLU A 307 -15.89 26.38 0.63
CA GLU A 307 -17.17 25.65 0.79
C GLU A 307 -17.06 24.60 1.93
N VAL A 308 -15.96 23.84 2.01
CA VAL A 308 -15.78 22.79 3.06
C VAL A 308 -15.70 23.48 4.43
N ALA A 309 -14.97 24.59 4.52
CA ALA A 309 -14.88 25.40 5.76
C ALA A 309 -16.30 25.72 6.26
N ARG A 310 -17.18 26.13 5.33
CA ARG A 310 -18.50 26.76 5.59
C ARG A 310 -19.52 25.70 5.98
N LYS A 311 -19.59 24.61 5.21
CA LYS A 311 -20.38 23.41 5.55
C LYS A 311 -19.93 22.95 6.94
N GLY A 312 -18.62 23.07 7.20
CA GLY A 312 -18.02 22.92 8.54
C GLY A 312 -18.81 23.70 9.58
N GLU A 313 -18.96 25.02 9.38
CA GLU A 313 -19.67 25.93 10.33
C GLU A 313 -21.14 25.53 10.43
N LEU A 314 -21.83 25.43 9.28
CA LEU A 314 -23.24 25.01 9.15
C LEU A 314 -23.54 23.83 10.08
N PHE A 315 -22.80 22.73 9.95
CA PHE A 315 -22.92 21.57 10.85
C PHE A 315 -22.92 22.08 12.30
N LYS A 316 -21.93 22.91 12.63
CA LYS A 316 -21.63 23.34 14.03
C LYS A 316 -22.82 24.17 14.57
N GLU A 317 -23.49 24.92 13.69
CA GLU A 317 -24.67 25.76 14.03
C GLU A 317 -25.89 24.85 14.20
N LEU A 318 -26.23 24.08 13.17
CA LEU A 318 -27.42 23.19 13.18
C LEU A 318 -27.31 22.22 14.36
N LEU A 319 -26.12 21.67 14.56
CA LEU A 319 -25.96 20.61 15.60
C LEU A 319 -26.13 21.25 16.97
N ALA A 320 -25.63 22.45 17.15
CA ALA A 320 -25.84 23.16 18.44
C ALA A 320 -27.28 23.05 18.91
N LYS A 321 -28.25 23.07 17.99
CA LYS A 321 -29.68 23.10 18.40
C LYS A 321 -30.17 21.75 18.92
N VAL A 322 -29.44 20.67 18.66
CA VAL A 322 -29.97 19.33 19.08
C VAL A 322 -29.78 19.14 20.57
N ASP A 323 -30.60 18.27 21.17
CA ASP A 323 -30.56 18.10 22.65
C ASP A 323 -29.24 17.40 23.07
N GLY A 324 -29.02 16.16 22.61
CA GLY A 324 -27.92 15.30 23.07
C GLY A 324 -26.54 15.93 22.93
N VAL A 325 -26.31 16.70 21.86
CA VAL A 325 -24.98 17.33 21.57
C VAL A 325 -24.67 18.31 22.69
N VAL A 326 -23.45 18.27 23.22
CA VAL A 326 -22.87 19.29 24.15
C VAL A 326 -22.11 20.34 23.33
N ASP A 327 -21.24 19.86 22.44
CA ASP A 327 -20.15 20.64 21.81
C ASP A 327 -19.84 19.95 20.48
N VAL A 328 -19.38 20.70 19.47
CA VAL A 328 -18.92 20.16 18.15
C VAL A 328 -17.53 20.70 17.87
N ARG A 329 -16.52 19.86 18.09
CA ARG A 329 -15.09 20.20 17.91
C ARG A 329 -14.70 19.82 16.48
N GLY A 330 -13.61 20.42 15.99
CA GLY A 330 -13.03 20.16 14.66
C GLY A 330 -13.34 21.30 13.71
N ARG A 331 -12.46 21.51 12.74
CA ARG A 331 -12.66 22.48 11.63
C ARG A 331 -13.23 21.73 10.42
N GLY A 332 -13.83 22.47 9.48
CA GLY A 332 -14.35 21.94 8.19
C GLY A 332 -15.18 20.68 8.36
N LEU A 333 -14.98 19.70 7.49
CA LEU A 333 -15.78 18.45 7.48
C LEU A 333 -15.00 17.31 8.18
N MET A 334 -14.10 17.65 9.10
CA MET A 334 -13.65 16.73 10.19
C MET A 334 -14.20 17.21 11.52
N LEU A 335 -15.28 16.60 12.00
CA LEU A 335 -15.98 17.09 13.21
C LEU A 335 -16.19 15.94 14.18
N GLY A 336 -16.11 16.25 15.48
CA GLY A 336 -16.44 15.34 16.59
C GLY A 336 -17.63 15.87 17.38
N VAL A 337 -18.79 15.23 17.22
CA VAL A 337 -20.04 15.61 17.94
C VAL A 337 -19.97 14.99 19.34
N VAL A 338 -19.71 15.82 20.35
CA VAL A 338 -19.65 15.48 21.81
C VAL A 338 -21.08 15.51 22.35
N LEU A 339 -21.49 14.49 23.11
CA LEU A 339 -22.89 14.27 23.56
C LEU A 339 -23.00 14.41 25.09
N GLU A 340 -24.16 14.89 25.57
CA GLU A 340 -24.53 14.98 27.01
C GLU A 340 -24.34 13.59 27.66
N ARG A 341 -24.74 12.52 26.97
CA ARG A 341 -24.69 11.14 27.50
C ARG A 341 -23.66 10.31 26.71
N ASP A 342 -23.11 9.27 27.34
CA ASP A 342 -22.11 8.32 26.75
C ASP A 342 -22.90 7.29 25.94
N VAL A 343 -23.22 7.63 24.69
CA VAL A 343 -24.29 6.99 23.86
C VAL A 343 -23.83 6.86 22.41
N ALA A 344 -22.59 7.22 22.08
CA ALA A 344 -22.07 7.31 20.69
C ALA A 344 -22.15 5.95 20.00
N LYS A 345 -21.85 4.88 20.74
CA LYS A 345 -21.73 3.48 20.22
C LYS A 345 -23.13 2.92 19.92
N GLN A 346 -24.14 3.37 20.66
CA GLN A 346 -25.55 2.92 20.48
C GLN A 346 -26.21 3.77 19.39
N ALA A 347 -25.71 4.99 19.16
CA ALA A 347 -26.16 5.90 18.08
C ALA A 347 -25.64 5.42 16.72
N VAL A 348 -24.44 4.83 16.67
CA VAL A 348 -23.85 4.28 15.42
C VAL A 348 -24.74 3.14 14.92
N LEU A 349 -25.24 2.30 15.84
CA LEU A 349 -26.11 1.13 15.53
C LEU A 349 -27.51 1.60 15.10
N ASP A 350 -28.15 2.45 15.90
CA ASP A 350 -29.50 3.00 15.62
C ASP A 350 -29.47 3.85 14.36
N GLY A 351 -28.34 4.53 14.11
CA GLY A 351 -28.13 5.46 12.98
C GLY A 351 -28.31 4.82 11.61
N PHE A 352 -28.40 3.48 11.53
CA PHE A 352 -28.70 2.73 10.29
C PHE A 352 -30.16 2.97 9.86
N LYS A 353 -31.14 2.60 10.69
CA LYS A 353 -32.59 2.59 10.34
C LYS A 353 -33.07 4.00 9.98
N HIS A 354 -32.47 5.04 10.57
CA HIS A 354 -32.77 6.46 10.28
C HIS A 354 -32.05 6.85 8.98
N GLY A 355 -31.12 6.01 8.53
CA GLY A 355 -30.52 6.04 7.18
C GLY A 355 -29.22 6.82 7.17
N VAL A 356 -28.40 6.64 8.20
CA VAL A 356 -27.11 7.37 8.41
C VAL A 356 -26.01 6.34 8.62
N ILE A 357 -24.79 6.72 8.29
CA ILE A 357 -23.56 5.98 8.66
C ILE A 357 -22.70 6.92 9.52
N LEU A 358 -22.52 6.54 10.79
CA LEU A 358 -21.73 7.27 11.81
C LEU A 358 -20.58 6.38 12.31
N ASN A 359 -19.85 6.83 13.34
CA ASN A 359 -18.62 6.18 13.85
C ASN A 359 -18.33 6.79 15.22
N ALA A 360 -18.02 5.96 16.22
CA ALA A 360 -17.95 6.38 17.64
C ALA A 360 -16.51 6.25 18.16
N PRO A 361 -15.64 7.25 17.91
CA PRO A 361 -14.28 7.25 18.44
C PRO A 361 -14.15 7.22 19.98
N ALA A 362 -15.23 7.52 20.69
CA ALA A 362 -15.34 7.42 22.16
C ALA A 362 -16.82 7.26 22.50
N ASP A 363 -17.18 7.20 23.77
CA ASP A 363 -18.56 6.84 24.21
C ASP A 363 -19.44 8.08 24.16
N ASN A 364 -18.83 9.27 24.19
CA ASN A 364 -19.56 10.54 24.06
C ASN A 364 -19.10 11.30 22.81
N ILE A 365 -18.43 10.63 21.87
CA ILE A 365 -17.98 11.28 20.58
C ILE A 365 -18.44 10.47 19.38
N ILE A 366 -18.98 11.16 18.37
CA ILE A 366 -19.31 10.62 17.03
C ILE A 366 -18.53 11.43 16.00
N ARG A 367 -17.67 10.77 15.23
CA ARG A 367 -16.89 11.44 14.18
C ARG A 367 -17.82 11.67 13.00
N LEU A 368 -17.64 12.77 12.26
CA LEU A 368 -18.30 13.04 10.95
C LEU A 368 -17.22 13.39 9.93
N THR A 369 -16.98 12.51 8.96
CA THR A 369 -16.11 12.80 7.79
C THR A 369 -16.85 12.37 6.53
N PRO A 370 -18.01 13.00 6.23
CA PRO A 370 -18.78 12.72 5.02
C PRO A 370 -18.01 13.14 3.80
N PRO A 371 -18.40 12.71 2.58
CA PRO A 371 -17.72 13.19 1.37
C PRO A 371 -17.80 14.72 1.34
N LEU A 372 -16.78 15.39 0.78
CA LEU A 372 -16.65 16.88 0.82
C LEU A 372 -17.69 17.51 -0.11
N VAL A 373 -18.33 16.66 -0.90
CA VAL A 373 -19.34 16.96 -1.96
C VAL A 373 -20.76 17.04 -1.35
N ILE A 374 -20.92 16.65 -0.08
CA ILE A 374 -22.23 16.71 0.62
C ILE A 374 -22.83 18.11 0.43
N THR A 375 -24.05 18.22 -0.10
CA THR A 375 -24.78 19.51 -0.29
C THR A 375 -25.29 20.02 1.06
N ASP A 376 -25.89 21.20 1.11
CA ASP A 376 -26.35 21.86 2.36
C ASP A 376 -27.67 21.22 2.81
N GLU A 377 -28.55 20.92 1.85
CA GLU A 377 -29.79 20.15 2.10
C GLU A 377 -29.39 18.81 2.75
N GLU A 378 -28.35 18.16 2.21
CA GLU A 378 -27.90 16.81 2.66
C GLU A 378 -27.45 16.91 4.13
N ILE A 379 -26.71 17.97 4.47
CA ILE A 379 -26.24 18.26 5.85
C ILE A 379 -27.46 18.35 6.78
N ALA A 380 -28.36 19.30 6.53
CA ALA A 380 -29.59 19.54 7.32
C ALA A 380 -30.28 18.20 7.65
N ASP A 381 -30.54 17.38 6.64
CA ASP A 381 -31.18 16.04 6.76
C ASP A 381 -30.35 15.16 7.68
N ALA A 382 -29.02 15.29 7.62
CA ALA A 382 -28.04 14.49 8.40
C ALA A 382 -28.10 14.87 9.88
N VAL A 383 -28.24 16.16 10.19
CA VAL A 383 -28.34 16.67 11.59
C VAL A 383 -29.69 16.23 12.16
N LYS A 384 -30.77 16.37 11.38
CA LYS A 384 -32.14 15.93 11.75
C LYS A 384 -32.15 14.42 11.98
N ALA A 385 -31.32 13.70 11.24
CA ALA A 385 -31.21 12.25 11.48
C ALA A 385 -30.48 11.99 12.79
N ILE A 386 -29.36 12.67 13.01
CA ILE A 386 -28.57 12.43 14.25
C ILE A 386 -29.43 12.82 15.45
N ALA A 387 -30.09 13.97 15.37
CA ALA A 387 -30.93 14.46 16.48
C ALA A 387 -31.98 13.41 16.84
N GLU A 388 -32.69 12.91 15.83
CA GLU A 388 -33.79 11.96 16.13
C GLU A 388 -33.19 10.68 16.71
N THR A 389 -31.97 10.32 16.32
CA THR A 389 -31.34 9.08 16.81
C THR A 389 -30.96 9.26 18.28
N ILE A 390 -30.33 10.38 18.63
CA ILE A 390 -30.05 10.63 20.07
C ILE A 390 -31.35 11.12 20.72
N ALA A 391 -32.28 10.19 20.94
CA ALA A 391 -33.59 10.55 21.52
C ALA A 391 -33.62 10.00 22.95
N LEU A 392 -33.10 8.78 23.14
CA LEU A 392 -32.99 8.26 24.53
C LEU A 392 -31.54 8.46 24.98
N VAL B 20 13.39 7.18 -18.85
CA VAL B 20 12.82 8.11 -19.87
C VAL B 20 11.34 7.77 -20.07
N GLU B 21 10.59 8.65 -20.75
CA GLU B 21 9.11 8.87 -20.64
C GLU B 21 8.32 7.75 -21.34
N LEU B 22 7.13 7.42 -20.82
CA LEU B 22 6.21 6.34 -21.30
C LEU B 22 4.76 6.81 -21.23
N VAL B 23 3.93 6.48 -22.23
CA VAL B 23 2.61 7.16 -22.49
C VAL B 23 1.46 6.15 -22.73
N SER B 24 1.69 5.08 -23.52
CA SER B 24 0.64 4.08 -23.90
C SER B 24 1.26 2.70 -24.21
N GLY B 25 0.46 1.62 -24.10
CA GLY B 25 0.89 0.26 -24.46
C GLY B 25 -0.26 -0.70 -24.80
N LYS B 26 0.07 -1.86 -25.37
CA LYS B 26 -0.89 -2.94 -25.70
C LYS B 26 -0.15 -4.29 -25.70
N GLY B 27 -0.75 -5.31 -25.07
CA GLY B 27 -0.17 -6.65 -24.90
C GLY B 27 1.22 -6.57 -24.29
N ALA B 28 2.23 -7.07 -25.00
CA ALA B 28 3.65 -7.09 -24.59
C ALA B 28 4.39 -5.89 -25.19
N THR B 29 3.65 -4.83 -25.51
CA THR B 29 4.10 -3.61 -26.21
C THR B 29 3.84 -2.38 -25.34
N VAL B 30 4.76 -1.42 -25.36
CA VAL B 30 4.58 -0.10 -24.70
C VAL B 30 5.41 0.92 -25.47
N THR B 31 4.98 2.20 -25.48
CA THR B 31 5.45 3.30 -26.36
C THR B 31 5.80 4.57 -25.56
N ASP B 32 7.00 5.13 -25.75
CA ASP B 32 7.50 6.35 -25.06
C ASP B 32 6.88 7.62 -25.68
N ASP B 33 7.23 8.77 -25.10
CA ASP B 33 6.86 10.16 -25.52
C ASP B 33 7.12 10.39 -27.01
N GLN B 34 8.27 9.91 -27.52
CA GLN B 34 8.77 10.15 -28.90
C GLN B 34 8.05 9.24 -29.92
N GLY B 35 7.46 8.12 -29.50
CA GLY B 35 6.53 7.30 -30.31
C GLY B 35 7.05 5.89 -30.60
N ASN B 36 8.18 5.51 -30.01
CA ASN B 36 8.87 4.22 -30.28
C ASN B 36 8.14 3.09 -29.54
N VAL B 37 7.76 2.03 -30.25
CA VAL B 37 7.15 0.80 -29.65
C VAL B 37 8.28 -0.12 -29.19
N TYR B 38 8.08 -0.80 -28.07
CA TYR B 38 9.05 -1.71 -27.43
C TYR B 38 8.35 -3.01 -27.03
N ILE B 39 9.03 -4.15 -27.21
CA ILE B 39 8.69 -5.43 -26.53
C ILE B 39 9.09 -5.25 -25.06
N ASP B 40 8.12 -5.19 -24.15
CA ASP B 40 8.38 -5.12 -22.69
C ASP B 40 8.64 -6.55 -22.19
N LEU B 41 9.83 -6.79 -21.63
CA LEU B 41 10.12 -8.11 -21.01
C LEU B 41 10.36 -7.87 -19.54
N LEU B 42 9.77 -6.81 -18.99
CA LEU B 42 9.99 -6.43 -17.57
C LEU B 42 8.64 -6.27 -16.88
N ALA B 43 7.65 -5.80 -17.62
CA ALA B 43 6.24 -5.67 -17.18
C ALA B 43 6.15 -4.87 -15.89
N GLY B 44 6.96 -3.82 -15.79
CA GLY B 44 6.98 -2.97 -14.59
C GLY B 44 7.52 -3.74 -13.42
N ILE B 45 8.49 -4.64 -13.65
CA ILE B 45 9.02 -5.55 -12.60
C ILE B 45 7.94 -6.56 -12.21
N ALA B 46 7.32 -7.21 -13.20
CA ALA B 46 6.35 -8.32 -12.99
C ALA B 46 5.02 -7.92 -12.35
N VAL B 47 4.37 -6.86 -12.81
CA VAL B 47 3.02 -6.50 -12.30
C VAL B 47 2.01 -6.55 -13.44
N ASN B 48 2.46 -6.25 -14.65
CA ASN B 48 1.55 -6.24 -15.81
C ASN B 48 1.49 -7.65 -16.38
N ALA B 49 0.76 -8.55 -15.74
CA ALA B 49 0.68 -9.97 -16.15
C ALA B 49 -0.17 -10.13 -17.40
N LEU B 50 -1.12 -9.22 -17.59
CA LEU B 50 -1.98 -9.25 -18.80
C LEU B 50 -1.56 -8.11 -19.76
N GLY B 51 -0.37 -7.55 -19.58
CA GLY B 51 0.08 -6.39 -20.35
C GLY B 51 -0.72 -5.14 -20.01
N HIS B 52 -0.65 -4.12 -20.86
CA HIS B 52 -1.29 -2.80 -20.66
C HIS B 52 -2.63 -2.74 -21.41
N ALA B 53 -3.62 -2.08 -20.80
CA ALA B 53 -4.90 -1.73 -21.46
C ALA B 53 -5.56 -2.99 -22.01
N HIS B 54 -5.64 -4.04 -21.18
CA HIS B 54 -6.26 -5.35 -21.52
C HIS B 54 -7.77 -5.24 -21.29
N PRO B 55 -8.57 -5.61 -22.31
CA PRO B 55 -10.03 -5.54 -22.26
C PRO B 55 -10.79 -6.05 -21.03
N ALA B 56 -10.32 -7.13 -20.41
CA ALA B 56 -11.00 -7.72 -19.22
C ALA B 56 -10.81 -6.77 -18.04
N ILE B 57 -9.61 -6.20 -17.94
CA ILE B 57 -9.24 -5.23 -16.87
C ILE B 57 -9.97 -3.90 -17.11
N ILE B 58 -10.07 -3.47 -18.37
CA ILE B 58 -10.70 -2.16 -18.72
C ILE B 58 -12.19 -2.23 -18.35
N GLU B 59 -12.83 -3.35 -18.68
CA GLU B 59 -14.27 -3.61 -18.39
C GLU B 59 -14.43 -3.62 -16.87
N ALA B 60 -13.66 -4.47 -16.19
CA ALA B 60 -13.67 -4.68 -14.73
C ALA B 60 -13.61 -3.34 -13.98
N VAL B 61 -12.68 -2.45 -14.37
CA VAL B 61 -12.31 -1.18 -13.68
C VAL B 61 -13.36 -0.09 -14.00
N THR B 62 -13.60 0.16 -15.30
CA THR B 62 -14.60 1.15 -15.82
C THR B 62 -15.94 0.85 -15.19
N ASN B 63 -16.27 -0.43 -15.11
CA ASN B 63 -17.56 -0.91 -14.55
C ASN B 63 -17.59 -0.56 -13.06
N GLN B 64 -16.55 -0.89 -12.28
CA GLN B 64 -16.52 -0.68 -10.80
C GLN B 64 -16.43 0.81 -10.43
N ILE B 65 -15.46 1.56 -10.97
CA ILE B 65 -15.22 2.99 -10.63
C ILE B 65 -16.51 3.79 -10.88
N GLY B 66 -17.39 3.26 -11.72
CA GLY B 66 -18.70 3.86 -12.03
C GLY B 66 -19.76 3.52 -11.00
N GLN B 67 -19.47 2.68 -10.01
CA GLN B 67 -20.52 2.26 -9.05
C GLN B 67 -20.06 2.52 -7.62
N LEU B 68 -19.01 1.84 -7.19
CA LEU B 68 -18.53 1.95 -5.80
C LEU B 68 -17.02 2.15 -5.84
N GLY B 69 -16.52 3.18 -5.16
CA GLY B 69 -15.07 3.42 -5.07
C GLY B 69 -14.41 2.58 -3.99
N HIS B 70 -14.39 3.08 -2.75
CA HIS B 70 -13.72 2.35 -1.63
C HIS B 70 -14.67 2.22 -0.45
N VAL B 71 -14.73 1.04 0.17
CA VAL B 71 -15.56 0.87 1.39
C VAL B 71 -14.57 0.48 2.48
N SER B 72 -14.90 0.80 3.74
CA SER B 72 -14.06 0.38 4.88
C SER B 72 -14.23 -1.11 5.14
N ASN B 73 -13.35 -1.70 5.96
CA ASN B 73 -13.46 -3.14 6.31
C ASN B 73 -14.59 -3.34 7.32
N LEU B 74 -15.35 -2.29 7.61
CA LEU B 74 -16.60 -2.36 8.41
C LEU B 74 -17.70 -2.95 7.51
N PHE B 75 -17.58 -2.75 6.19
CA PHE B 75 -18.58 -3.21 5.18
C PHE B 75 -17.97 -4.24 4.23
N ALA B 76 -18.83 -5.07 3.64
CA ALA B 76 -18.46 -6.02 2.57
C ALA B 76 -18.56 -5.33 1.20
N SER B 77 -17.95 -5.93 0.18
CA SER B 77 -18.11 -5.57 -1.25
C SER B 77 -17.84 -6.83 -2.09
N ARG B 78 -18.62 -7.04 -3.15
CA ARG B 78 -18.60 -8.31 -3.93
C ARG B 78 -17.16 -8.59 -4.38
N PRO B 79 -16.52 -7.71 -5.19
CA PRO B 79 -15.32 -8.09 -5.93
C PRO B 79 -14.24 -8.51 -4.95
N VAL B 80 -14.17 -7.85 -3.80
CA VAL B 80 -13.26 -8.26 -2.71
C VAL B 80 -13.56 -9.73 -2.38
N VAL B 81 -14.82 -10.05 -2.04
CA VAL B 81 -15.26 -11.41 -1.57
C VAL B 81 -14.90 -12.46 -2.63
N GLU B 82 -15.19 -12.13 -3.89
CA GLU B 82 -15.05 -13.00 -5.10
C GLU B 82 -13.59 -13.32 -5.39
N VAL B 83 -12.68 -12.35 -5.21
CA VAL B 83 -11.22 -12.57 -5.46
C VAL B 83 -10.75 -13.53 -4.37
N ALA B 84 -11.17 -13.29 -3.13
CA ALA B 84 -10.77 -14.11 -1.97
C ALA B 84 -11.12 -15.56 -2.27
N GLU B 85 -12.42 -15.85 -2.41
CA GLU B 85 -12.94 -17.20 -2.80
C GLU B 85 -11.97 -17.81 -3.81
N GLU B 86 -11.57 -17.01 -4.80
CA GLU B 86 -10.86 -17.49 -5.99
C GLU B 86 -9.44 -17.92 -5.59
N LEU B 87 -8.77 -17.12 -4.75
CA LEU B 87 -7.35 -17.39 -4.42
C LEU B 87 -7.33 -18.66 -3.59
N ILE B 88 -8.35 -18.81 -2.73
CA ILE B 88 -8.56 -20.01 -1.87
C ILE B 88 -8.69 -21.23 -2.79
N LYS B 89 -9.60 -21.18 -3.76
CA LYS B 89 -9.71 -22.20 -4.85
C LYS B 89 -8.30 -22.49 -5.40
N ARG B 90 -7.59 -21.50 -5.96
CA ARG B 90 -6.28 -21.69 -6.64
C ARG B 90 -5.26 -22.30 -5.67
N PHE B 91 -5.36 -21.97 -4.38
CA PHE B 91 -4.39 -22.41 -3.34
C PHE B 91 -4.64 -23.87 -2.98
N SER B 92 -5.86 -24.21 -2.55
CA SER B 92 -6.29 -25.54 -2.05
C SER B 92 -6.82 -26.40 -3.21
N LEU B 93 -5.99 -27.29 -3.76
CA LEU B 93 -6.10 -27.80 -5.16
C LEU B 93 -7.16 -28.90 -5.26
N ASP B 94 -8.44 -28.51 -5.33
CA ASP B 94 -9.59 -29.44 -5.22
C ASP B 94 -9.50 -30.19 -3.88
N ASP B 95 -9.22 -29.43 -2.82
CA ASP B 95 -9.35 -29.88 -1.41
C ASP B 95 -10.17 -28.83 -0.64
N ALA B 96 -11.47 -29.10 -0.42
CA ALA B 96 -12.46 -28.17 0.19
C ALA B 96 -12.20 -28.06 1.70
N THR B 97 -11.41 -28.97 2.30
CA THR B 97 -11.05 -28.93 3.74
C THR B 97 -9.91 -27.93 3.98
N LEU B 98 -8.79 -28.01 3.25
CA LEU B 98 -7.76 -26.92 3.18
C LEU B 98 -8.49 -25.60 2.89
N ALA B 99 -9.38 -25.58 1.90
CA ALA B 99 -10.13 -24.37 1.49
C ALA B 99 -10.76 -23.67 2.70
N ALA B 100 -11.26 -24.44 3.68
CA ALA B 100 -12.21 -23.97 4.72
C ALA B 100 -11.44 -23.44 5.94
N GLN B 101 -10.25 -23.97 6.23
CA GLN B 101 -9.32 -23.41 7.25
C GLN B 101 -8.34 -22.39 6.63
N THR B 102 -8.54 -21.96 5.37
CA THR B 102 -7.80 -20.85 4.72
C THR B 102 -8.59 -19.54 4.81
N ARG B 103 -7.91 -18.39 4.95
CA ARG B 103 -8.50 -17.02 4.90
C ARG B 103 -7.53 -16.11 4.12
N VAL B 104 -8.00 -14.98 3.62
CA VAL B 104 -7.12 -13.98 2.93
C VAL B 104 -7.26 -12.63 3.63
N PHE B 105 -6.16 -11.89 3.71
CA PHE B 105 -6.10 -10.47 4.12
C PHE B 105 -5.65 -9.64 2.91
N PHE B 106 -6.36 -8.57 2.62
CA PHE B 106 -5.99 -7.74 1.46
C PHE B 106 -5.24 -6.49 1.94
N CYS B 107 -4.20 -6.13 1.21
CA CYS B 107 -3.38 -4.92 1.44
C CYS B 107 -3.33 -4.13 0.13
N ASN B 108 -2.27 -3.35 -0.07
CA ASN B 108 -2.16 -2.46 -1.26
C ASN B 108 -0.79 -2.66 -1.93
N SER B 109 0.12 -3.34 -1.26
CA SER B 109 1.43 -3.69 -1.85
C SER B 109 1.87 -5.07 -1.38
N GLY B 110 3.03 -5.53 -1.84
CA GLY B 110 3.66 -6.76 -1.36
C GLY B 110 4.47 -6.51 -0.11
N ALA B 111 5.01 -5.31 -0.02
CA ALA B 111 5.57 -4.81 1.25
C ALA B 111 4.51 -4.94 2.33
N GLU B 112 3.34 -4.34 2.09
CA GLU B 112 2.23 -4.29 3.08
C GLU B 112 1.75 -5.71 3.35
N ALA B 113 1.98 -6.61 2.39
CA ALA B 113 1.54 -8.01 2.48
C ALA B 113 2.48 -8.77 3.38
N ASN B 114 3.77 -8.63 3.12
CA ASN B 114 4.80 -9.31 3.96
C ASN B 114 4.79 -8.78 5.39
N GLU B 115 4.37 -7.55 5.60
CA GLU B 115 4.34 -6.97 6.96
C GLU B 115 3.30 -7.75 7.73
N ALA B 116 2.16 -7.97 7.09
CA ALA B 116 1.07 -8.81 7.64
C ALA B 116 1.65 -10.19 7.97
N ALA B 117 2.56 -10.68 7.12
CA ALA B 117 3.21 -12.00 7.33
C ALA B 117 4.13 -11.89 8.54
N PHE B 118 4.96 -10.85 8.61
CA PHE B 118 5.84 -10.63 9.79
C PHE B 118 4.99 -10.58 11.05
N LYS B 119 3.78 -10.01 10.96
CA LYS B 119 2.92 -9.83 12.15
C LYS B 119 2.36 -11.16 12.63
N ILE B 120 2.04 -12.05 11.70
CA ILE B 120 1.51 -13.40 12.06
C ILE B 120 2.63 -14.14 12.79
N ALA B 121 3.87 -13.93 12.36
CA ALA B 121 5.04 -14.56 13.01
C ALA B 121 5.27 -13.95 14.39
N ARG B 122 4.86 -12.71 14.62
CA ARG B 122 4.98 -12.14 15.97
C ARG B 122 3.86 -12.71 16.84
N LEU B 123 2.73 -13.05 16.23
CA LEU B 123 1.55 -13.53 16.99
C LEU B 123 1.73 -15.00 17.43
N THR B 124 2.81 -15.64 16.99
CA THR B 124 3.10 -17.04 17.38
C THR B 124 3.67 -17.07 18.79
N GLY B 125 4.26 -15.95 19.24
CA GLY B 125 4.87 -15.87 20.56
C GLY B 125 6.35 -16.15 20.47
N ARG B 126 6.79 -16.65 19.33
CA ARG B 126 8.22 -16.99 19.13
C ARG B 126 8.95 -15.74 18.59
N SER B 127 10.26 -15.66 18.80
CA SER B 127 11.01 -14.42 18.44
C SER B 127 11.78 -14.55 17.14
N ARG B 128 12.31 -15.73 16.85
CA ARG B 128 13.17 -15.96 15.65
C ARG B 128 12.33 -16.09 14.38
N ILE B 129 12.65 -15.29 13.35
CA ILE B 129 12.17 -15.39 11.95
C ILE B 129 13.40 -15.56 11.07
N LEU B 130 13.36 -16.51 10.14
CA LEU B 130 14.52 -16.86 9.27
C LEU B 130 14.14 -16.61 7.81
N ALA B 131 15.03 -15.94 7.06
CA ALA B 131 14.77 -15.45 5.70
C ALA B 131 15.99 -15.77 4.83
N ALA B 132 15.82 -15.92 3.53
CA ALA B 132 16.90 -16.31 2.59
C ALA B 132 17.83 -15.12 2.38
N VAL B 133 19.09 -15.39 1.98
CA VAL B 133 20.23 -14.44 2.05
C VAL B 133 20.09 -13.36 0.97
N HIS B 134 19.65 -13.67 -0.24
CA HIS B 134 19.49 -12.60 -1.26
C HIS B 134 18.00 -12.25 -1.42
N GLY B 135 17.15 -12.64 -0.46
CA GLY B 135 15.69 -12.44 -0.54
C GLY B 135 15.32 -10.97 -0.63
N PHE B 136 14.12 -10.66 -1.13
CA PHE B 136 13.52 -9.30 -1.12
C PHE B 136 12.00 -9.36 -0.88
N HIS B 137 11.56 -8.67 0.17
CA HIS B 137 10.15 -8.72 0.68
C HIS B 137 9.53 -7.32 0.74
N GLY B 138 10.27 -6.26 0.39
CA GLY B 138 9.80 -4.86 0.40
C GLY B 138 10.56 -3.97 1.39
N ARG B 139 10.30 -2.66 1.36
CA ARG B 139 11.17 -1.63 2.02
C ARG B 139 10.41 -0.89 3.14
N THR B 140 9.29 -1.46 3.57
CA THR B 140 8.63 -0.95 4.79
C THR B 140 9.44 -1.59 5.93
N MET B 141 9.50 -1.00 7.11
CA MET B 141 10.40 -1.46 8.19
C MET B 141 10.38 -2.97 8.43
N GLY B 142 9.21 -3.58 8.60
CA GLY B 142 9.16 -5.01 8.92
C GLY B 142 9.49 -5.87 7.72
N SER B 143 9.04 -5.47 6.55
CA SER B 143 9.37 -6.23 5.31
C SER B 143 10.84 -6.01 4.95
N LEU B 144 11.43 -4.86 5.30
CA LEU B 144 12.90 -4.60 5.15
C LEU B 144 13.69 -5.47 6.14
N ALA B 145 13.11 -5.75 7.31
CA ALA B 145 13.73 -6.60 8.33
C ALA B 145 13.94 -8.01 7.78
N LEU B 146 13.15 -8.41 6.75
CA LEU B 146 13.13 -9.77 6.16
C LEU B 146 14.05 -9.82 4.94
N THR B 147 14.40 -8.68 4.35
CA THR B 147 15.11 -8.70 3.06
C THR B 147 16.58 -9.06 3.31
N GLY B 148 17.02 -10.14 2.69
CA GLY B 148 18.35 -10.73 2.88
C GLY B 148 19.47 -9.81 2.43
N GLN B 149 19.17 -8.71 1.73
CA GLN B 149 20.19 -7.75 1.25
C GLN B 149 20.51 -6.74 2.34
N PRO B 150 21.69 -6.83 3.01
CA PRO B 150 22.07 -5.91 4.08
C PRO B 150 22.41 -4.46 3.72
N ASP B 151 22.87 -4.18 2.49
CA ASP B 151 23.05 -2.80 1.94
C ASP B 151 21.76 -1.99 2.11
N LYS B 152 20.61 -2.58 1.76
CA LYS B 152 19.27 -1.93 1.84
C LYS B 152 18.81 -1.74 3.29
N ARG B 153 19.46 -2.41 4.26
CA ARG B 153 19.17 -2.36 5.71
C ARG B 153 20.04 -1.30 6.42
N GLU B 154 21.32 -1.21 6.06
CA GLU B 154 22.33 -0.38 6.79
C GLU B 154 21.75 0.98 7.24
N ALA B 155 21.17 1.76 6.33
CA ALA B 155 20.79 3.19 6.55
C ALA B 155 19.74 3.35 7.66
N PHE B 156 18.93 2.31 7.94
CA PHE B 156 17.75 2.47 8.81
C PHE B 156 17.75 1.55 10.02
N LEU B 157 18.93 1.22 10.53
CA LEU B 157 19.01 0.41 11.76
C LEU B 157 18.69 1.36 12.92
N PRO B 158 18.06 0.95 14.03
CA PRO B 158 17.52 -0.40 14.22
C PRO B 158 16.37 -0.96 13.35
N MET B 159 16.39 -2.27 13.09
CA MET B 159 15.26 -2.92 12.38
C MET B 159 14.38 -3.56 13.46
N PRO B 160 13.10 -3.94 13.26
CA PRO B 160 12.37 -4.64 14.32
C PRO B 160 13.17 -5.96 14.46
N SER B 161 13.39 -6.44 15.69
CA SER B 161 14.30 -7.59 15.93
C SER B 161 13.70 -8.96 15.64
N GLY B 162 14.56 -9.98 15.45
CA GLY B 162 14.08 -11.37 15.29
C GLY B 162 14.57 -12.07 14.04
N VAL B 163 14.94 -11.33 13.01
CA VAL B 163 15.30 -11.96 11.71
C VAL B 163 16.76 -12.42 11.73
N GLU B 164 17.03 -13.64 11.28
CA GLU B 164 18.36 -14.22 10.92
C GLU B 164 18.28 -14.77 9.48
N PHE B 165 19.41 -14.91 8.79
CA PHE B 165 19.44 -15.22 7.34
C PHE B 165 20.27 -16.48 7.09
N TYR B 166 19.87 -17.26 6.08
CA TYR B 166 20.34 -18.63 5.76
C TYR B 166 20.61 -18.68 4.26
N PRO B 167 21.60 -19.46 3.77
CA PRO B 167 21.85 -19.54 2.33
C PRO B 167 20.65 -20.25 1.71
N TYR B 168 20.10 -19.70 0.62
CA TYR B 168 18.95 -20.26 -0.15
C TYR B 168 19.31 -21.68 -0.59
N GLY B 169 18.41 -22.65 -0.36
CA GLY B 169 18.48 -24.04 -0.86
C GLY B 169 19.42 -24.93 -0.04
N ASP B 170 19.85 -24.49 1.13
CA ASP B 170 20.77 -25.27 2.01
C ASP B 170 19.97 -25.82 3.21
N THR B 171 19.27 -26.94 3.02
CA THR B 171 18.49 -27.68 4.05
C THR B 171 19.38 -28.01 5.25
N ASP B 172 20.65 -28.39 5.02
CA ASP B 172 21.58 -28.81 6.10
C ASP B 172 21.85 -27.60 7.00
N TYR B 173 22.26 -26.46 6.44
CA TYR B 173 22.42 -25.25 7.29
C TYR B 173 21.11 -24.93 8.00
N LEU B 174 20.02 -24.80 7.25
CA LEU B 174 18.73 -24.38 7.84
C LEU B 174 18.31 -25.31 8.98
N ARG B 175 18.58 -26.60 8.85
CA ARG B 175 18.23 -27.58 9.90
C ARG B 175 19.03 -27.23 11.15
N LYS B 176 20.33 -27.12 11.02
CA LYS B 176 21.21 -26.77 12.16
C LYS B 176 20.82 -25.39 12.70
N MET B 177 20.57 -24.43 11.81
CA MET B 177 20.13 -23.08 12.23
C MET B 177 18.86 -23.20 13.08
N VAL B 178 17.85 -23.89 12.57
CA VAL B 178 16.59 -24.09 13.36
C VAL B 178 16.91 -24.73 14.71
N GLU B 179 17.78 -25.74 14.75
CA GLU B 179 17.88 -26.68 15.89
C GLU B 179 18.83 -26.16 16.97
N THR B 180 19.37 -24.96 16.81
CA THR B 180 20.15 -24.25 17.87
C THR B 180 19.16 -23.75 18.93
N ASN B 181 17.90 -23.53 18.54
CA ASN B 181 16.79 -23.00 19.42
C ASN B 181 15.46 -23.19 18.69
N PRO B 182 15.03 -24.44 18.42
CA PRO B 182 13.98 -24.73 17.44
C PRO B 182 12.57 -24.20 17.75
N THR B 183 12.18 -24.16 19.03
CA THR B 183 10.79 -23.81 19.43
C THR B 183 10.71 -22.30 19.63
N ASP B 184 11.80 -21.56 19.39
CA ASP B 184 11.79 -20.08 19.32
C ASP B 184 11.77 -19.62 17.86
N VAL B 185 11.53 -20.53 16.91
CA VAL B 185 11.35 -20.24 15.46
C VAL B 185 9.84 -20.10 15.14
N ALA B 186 9.42 -18.86 14.90
CA ALA B 186 8.04 -18.44 14.59
C ALA B 186 7.69 -18.85 13.16
N ALA B 187 8.56 -18.51 12.22
CA ALA B 187 8.32 -18.58 10.76
C ALA B 187 9.62 -18.84 10.00
N ILE B 188 9.52 -19.51 8.85
CA ILE B 188 10.60 -19.55 7.81
C ILE B 188 10.03 -18.94 6.53
N PHE B 189 10.66 -17.87 6.08
CA PHE B 189 10.30 -17.13 4.86
C PHE B 189 11.20 -17.66 3.75
N LEU B 190 10.58 -18.01 2.63
CA LEU B 190 11.30 -18.37 1.38
C LEU B 190 10.47 -17.89 0.20
N GLU B 191 11.14 -17.46 -0.89
CA GLU B 191 10.55 -17.34 -2.24
C GLU B 191 10.79 -18.65 -2.99
N PRO B 192 9.80 -19.31 -3.65
CA PRO B 192 10.05 -20.56 -4.37
C PRO B 192 10.99 -20.38 -5.58
N ILE B 193 11.14 -19.15 -6.04
CA ILE B 193 12.18 -18.71 -7.02
C ILE B 193 12.63 -17.31 -6.63
N GLN B 194 13.90 -17.16 -6.26
CA GLN B 194 14.52 -15.85 -5.94
C GLN B 194 14.48 -14.97 -7.18
N GLY B 195 13.84 -13.79 -7.12
CA GLY B 195 13.74 -12.83 -8.23
C GLY B 195 15.03 -12.02 -8.37
N GLU B 196 15.60 -11.61 -7.24
CA GLU B 196 16.73 -10.63 -7.19
C GLU B 196 18.02 -11.41 -7.46
N THR B 197 19.11 -10.70 -7.79
CA THR B 197 20.51 -11.23 -7.86
C THR B 197 20.65 -12.36 -8.89
N GLY B 198 19.56 -12.61 -9.62
CA GLY B 198 19.52 -13.70 -10.59
C GLY B 198 18.22 -14.45 -10.46
N VAL B 199 17.98 -15.45 -11.29
CA VAL B 199 16.77 -16.26 -11.10
C VAL B 199 17.24 -17.58 -10.52
N VAL B 200 17.10 -17.74 -9.21
CA VAL B 200 17.60 -18.95 -8.53
C VAL B 200 16.40 -19.73 -8.03
N PRO B 201 15.99 -20.79 -8.75
CA PRO B 201 14.88 -21.57 -8.31
C PRO B 201 15.15 -22.51 -7.12
N ALA B 202 14.21 -22.60 -6.18
CA ALA B 202 14.26 -23.60 -5.10
C ALA B 202 14.81 -24.89 -5.71
N PRO B 203 16.00 -25.39 -5.30
CA PRO B 203 16.50 -26.66 -5.82
C PRO B 203 15.56 -27.84 -5.50
N GLU B 204 15.90 -29.00 -6.08
CA GLU B 204 15.09 -30.24 -5.96
C GLU B 204 15.01 -30.66 -4.50
N GLY B 205 13.80 -30.88 -3.98
CA GLY B 205 13.54 -31.43 -2.64
C GLY B 205 13.50 -30.36 -1.56
N PHE B 206 13.68 -29.09 -1.92
CA PHE B 206 13.95 -28.03 -0.92
C PHE B 206 12.66 -27.67 -0.16
N LEU B 207 11.58 -27.25 -0.82
CA LEU B 207 10.35 -26.81 -0.10
C LEU B 207 9.77 -27.99 0.70
N LYS B 208 9.80 -29.20 0.13
CA LYS B 208 9.36 -30.46 0.82
C LYS B 208 10.14 -30.57 2.13
N ALA B 209 11.45 -30.31 2.08
CA ALA B 209 12.38 -30.39 3.24
C ALA B 209 11.91 -29.39 4.29
N VAL B 210 11.82 -28.13 3.90
CA VAL B 210 11.33 -27.02 4.78
C VAL B 210 9.96 -27.42 5.36
N ARG B 211 9.11 -28.08 4.57
CA ARG B 211 7.77 -28.47 5.05
C ARG B 211 7.91 -29.45 6.23
N GLU B 212 8.76 -30.48 6.16
CA GLU B 212 8.98 -31.42 7.31
C GLU B 212 9.64 -30.68 8.49
N LEU B 213 10.61 -29.83 8.22
CA LEU B 213 11.36 -29.06 9.24
C LEU B 213 10.36 -28.27 10.08
N CYS B 214 9.44 -27.56 9.42
CA CYS B 214 8.40 -26.73 10.07
C CYS B 214 7.40 -27.64 10.79
N ASP B 215 7.08 -28.81 10.23
CA ASP B 215 6.07 -29.75 10.81
C ASP B 215 6.55 -30.23 12.18
N GLU B 216 7.78 -30.75 12.23
CA GLU B 216 8.43 -31.23 13.47
C GLU B 216 8.32 -30.21 14.61
N TYR B 217 8.60 -28.92 14.34
CA TYR B 217 8.95 -27.92 15.39
C TYR B 217 7.85 -26.89 15.67
N GLY B 218 6.77 -26.85 14.87
CA GLY B 218 5.60 -25.99 15.13
C GLY B 218 5.71 -24.64 14.43
N ILE B 219 6.67 -24.54 13.50
CA ILE B 219 7.09 -23.33 12.75
C ILE B 219 6.06 -23.07 11.66
N LEU B 220 5.84 -21.82 11.27
CA LEU B 220 5.01 -21.42 10.10
C LEU B 220 5.85 -21.37 8.83
N MET B 221 5.43 -22.08 7.78
CA MET B 221 6.10 -22.06 6.46
C MET B 221 5.45 -20.95 5.65
N ILE B 222 6.24 -19.94 5.25
CA ILE B 222 5.72 -18.72 4.57
C ILE B 222 6.49 -18.55 3.25
N THR B 223 5.74 -18.59 2.14
CA THR B 223 6.28 -18.46 0.78
C THR B 223 5.85 -17.08 0.27
N ASP B 224 6.83 -16.23 -0.01
CA ASP B 224 6.63 -14.93 -0.68
C ASP B 224 6.42 -15.23 -2.16
N GLU B 225 5.20 -15.01 -2.65
CA GLU B 225 4.82 -15.19 -4.08
C GLU B 225 4.42 -13.82 -4.65
N VAL B 226 5.04 -12.77 -4.16
CA VAL B 226 4.73 -11.40 -4.66
C VAL B 226 5.21 -11.33 -6.10
N GLN B 227 6.37 -11.93 -6.39
CA GLN B 227 6.94 -11.84 -7.76
C GLN B 227 6.62 -13.09 -8.58
N THR B 228 6.51 -14.26 -7.92
CA THR B 228 6.35 -15.55 -8.64
C THR B 228 4.91 -16.02 -8.71
N GLY B 229 3.96 -15.19 -8.29
CA GLY B 229 2.56 -15.64 -8.23
C GLY B 229 1.81 -15.39 -9.51
N VAL B 230 0.54 -15.78 -9.56
CA VAL B 230 -0.34 -15.59 -10.75
C VAL B 230 0.22 -16.11 -12.09
N GLY B 231 0.59 -17.38 -12.15
CA GLY B 231 0.99 -18.01 -13.43
C GLY B 231 2.40 -17.75 -13.91
N ARG B 232 3.04 -16.71 -13.42
CA ARG B 232 4.39 -16.28 -13.85
C ARG B 232 5.35 -17.47 -14.00
N THR B 233 5.17 -18.52 -13.20
CA THR B 233 6.05 -19.72 -13.12
C THR B 233 5.62 -20.84 -14.08
N GLY B 234 4.34 -20.88 -14.44
CA GLY B 234 3.72 -22.00 -15.17
C GLY B 234 2.62 -22.64 -14.32
N ASP B 235 2.85 -22.74 -13.01
CA ASP B 235 1.81 -23.05 -12.01
C ASP B 235 1.20 -21.73 -11.55
N PHE B 236 -0.01 -21.79 -10.96
CA PHE B 236 -0.66 -20.59 -10.42
C PHE B 236 0.29 -20.02 -9.38
N PHE B 237 0.60 -20.81 -8.36
CA PHE B 237 1.55 -20.48 -7.27
C PHE B 237 2.80 -21.34 -7.45
N ALA B 238 3.94 -20.71 -7.71
CA ALA B 238 5.24 -21.39 -7.90
C ALA B 238 5.43 -22.51 -6.87
N HIS B 239 4.92 -22.37 -5.64
CA HIS B 239 5.10 -23.38 -4.55
C HIS B 239 4.39 -24.69 -4.90
N GLN B 240 3.39 -24.64 -5.77
CA GLN B 240 2.58 -25.82 -6.16
C GLN B 240 3.39 -26.74 -7.08
N HIS B 241 4.39 -26.20 -7.78
CA HIS B 241 5.33 -26.98 -8.61
C HIS B 241 6.06 -28.04 -7.76
N ASP B 242 6.09 -27.86 -6.43
CA ASP B 242 6.78 -28.73 -5.43
C ASP B 242 5.77 -29.52 -4.57
N GLY B 243 4.47 -29.36 -4.79
CA GLY B 243 3.43 -30.14 -4.10
C GLY B 243 3.61 -30.09 -2.59
N VAL B 244 3.91 -28.90 -2.07
CA VAL B 244 3.82 -28.56 -0.63
C VAL B 244 2.65 -27.59 -0.43
N VAL B 245 2.29 -27.35 0.83
CA VAL B 245 1.15 -26.50 1.25
C VAL B 245 1.68 -25.59 2.36
N PRO B 246 2.13 -24.34 2.08
CA PRO B 246 2.67 -23.46 3.11
C PRO B 246 1.53 -23.02 4.02
N ASP B 247 1.89 -22.56 5.21
CA ASP B 247 0.92 -22.02 6.20
C ASP B 247 0.38 -20.69 5.66
N VAL B 248 1.23 -19.94 4.94
CA VAL B 248 0.99 -18.51 4.60
C VAL B 248 1.64 -18.21 3.23
N VAL B 249 0.91 -17.50 2.36
CA VAL B 249 1.38 -17.05 1.02
C VAL B 249 1.13 -15.55 0.92
N THR B 250 2.18 -14.78 0.62
CA THR B 250 2.08 -13.34 0.34
C THR B 250 2.13 -13.16 -1.19
N MET B 251 1.34 -12.22 -1.71
CA MET B 251 1.21 -11.95 -3.16
C MET B 251 0.77 -10.50 -3.37
N ALA B 252 0.97 -10.01 -4.59
CA ALA B 252 0.75 -8.61 -5.00
C ALA B 252 0.86 -8.50 -6.53
N LYS B 253 1.88 -7.80 -7.02
CA LYS B 253 2.14 -7.55 -8.45
C LYS B 253 1.78 -8.76 -9.30
N GLY B 254 1.05 -8.52 -10.38
CA GLY B 254 0.44 -9.59 -11.19
C GLY B 254 -1.03 -9.73 -10.86
N LEU B 255 -1.39 -9.64 -9.58
CA LEU B 255 -2.79 -9.87 -9.11
C LEU B 255 -3.60 -8.63 -9.41
N GLY B 256 -2.95 -7.48 -9.53
CA GLY B 256 -3.64 -6.20 -9.69
C GLY B 256 -4.00 -5.98 -11.14
N GLY B 257 -3.32 -6.68 -12.06
CA GLY B 257 -3.38 -6.33 -13.50
C GLY B 257 -3.17 -4.84 -13.68
N GLY B 258 -2.15 -4.30 -13.02
CA GLY B 258 -1.79 -2.88 -13.19
C GLY B 258 -2.37 -1.96 -12.14
N LEU B 259 -2.83 -2.49 -11.00
CA LEU B 259 -3.49 -1.66 -9.96
C LEU B 259 -2.85 -1.99 -8.62
N PRO B 260 -2.88 -1.10 -7.60
CA PRO B 260 -2.25 -1.37 -6.32
C PRO B 260 -3.00 -2.42 -5.49
N ILE B 261 -2.36 -3.55 -5.21
CA ILE B 261 -2.96 -4.67 -4.44
C ILE B 261 -1.83 -5.48 -3.79
N GLY B 262 -2.16 -6.10 -2.66
CA GLY B 262 -1.44 -7.26 -2.10
C GLY B 262 -2.40 -8.17 -1.38
N ALA B 263 -1.92 -9.36 -0.98
CA ALA B 263 -2.75 -10.26 -0.17
C ALA B 263 -1.90 -11.21 0.68
N CYS B 264 -2.35 -11.44 1.92
CA CYS B 264 -1.83 -12.49 2.83
C CYS B 264 -2.86 -13.61 2.97
N LEU B 265 -2.49 -14.80 2.52
CA LEU B 265 -3.35 -15.98 2.64
C LEU B 265 -2.79 -16.82 3.79
N ALA B 266 -3.67 -17.35 4.62
CA ALA B 266 -3.21 -18.12 5.80
C ALA B 266 -4.10 -19.34 5.99
N THR B 267 -3.51 -20.46 6.38
CA THR B 267 -4.26 -21.71 6.59
C THR B 267 -4.03 -22.25 8.00
N GLY B 268 -5.11 -22.61 8.68
CA GLY B 268 -4.99 -23.26 10.01
C GLY B 268 -4.68 -22.32 11.14
N ARG B 269 -3.62 -22.62 11.88
CA ARG B 269 -3.25 -21.82 13.07
C ARG B 269 -2.96 -20.39 12.64
N ALA B 270 -2.32 -20.23 11.50
CA ALA B 270 -1.96 -18.89 11.00
C ALA B 270 -3.22 -18.09 10.69
N ALA B 271 -4.29 -18.77 10.29
CA ALA B 271 -5.55 -18.08 9.98
C ALA B 271 -6.22 -17.64 11.28
N GLU B 272 -6.09 -18.44 12.33
CA GLU B 272 -6.79 -18.14 13.60
C GLU B 272 -6.05 -17.04 14.36
N LEU B 273 -4.78 -16.82 14.04
CA LEU B 273 -3.97 -15.84 14.80
C LEU B 273 -4.42 -14.44 14.40
N MET B 274 -4.83 -14.28 13.15
CA MET B 274 -5.22 -12.94 12.66
C MET B 274 -6.74 -12.86 12.49
N LYS B 278 -6.28 -6.63 15.68
CA LYS B 278 -4.88 -7.07 15.47
C LYS B 278 -4.30 -6.33 14.28
N HIS B 279 -4.65 -6.72 13.05
CA HIS B 279 -4.19 -5.98 11.86
C HIS B 279 -5.40 -5.39 11.13
N GLY B 280 -5.18 -4.73 9.99
CA GLY B 280 -6.26 -4.10 9.23
C GLY B 280 -5.74 -2.89 8.47
N THR B 281 -5.86 -2.87 7.14
CA THR B 281 -5.46 -1.66 6.37
C THR B 281 -6.72 -0.89 5.95
N THR B 282 -6.60 0.41 5.75
CA THR B 282 -7.76 1.22 5.29
C THR B 282 -8.26 0.66 3.96
N PHE B 283 -7.44 0.70 2.90
CA PHE B 283 -7.86 0.23 1.55
C PHE B 283 -7.81 -1.30 1.45
N GLY B 284 -7.85 -2.00 2.58
CA GLY B 284 -7.92 -3.47 2.55
C GLY B 284 -9.24 -3.88 1.94
N GLY B 285 -9.19 -4.62 0.84
CA GLY B 285 -10.44 -4.92 0.13
C GLY B 285 -10.86 -3.73 -0.70
N ASN B 286 -9.94 -3.12 -1.44
CA ASN B 286 -10.27 -1.99 -2.34
C ASN B 286 -11.15 -2.50 -3.50
N PRO B 287 -12.44 -2.11 -3.65
CA PRO B 287 -13.27 -2.69 -4.70
C PRO B 287 -12.76 -2.57 -6.14
N VAL B 288 -12.09 -1.47 -6.51
CA VAL B 288 -11.61 -1.25 -7.91
C VAL B 288 -10.30 -2.03 -8.12
N ALA B 289 -9.38 -1.95 -7.16
CA ALA B 289 -8.20 -2.83 -7.04
C ALA B 289 -8.59 -4.32 -7.20
N CYS B 290 -9.73 -4.74 -6.63
CA CYS B 290 -10.20 -6.15 -6.62
C CYS B 290 -11.02 -6.47 -7.88
N ALA B 291 -11.65 -5.47 -8.50
CA ALA B 291 -12.41 -5.67 -9.74
C ALA B 291 -11.41 -6.08 -10.83
N ALA B 292 -10.26 -5.39 -10.87
CA ALA B 292 -9.07 -5.74 -11.69
C ALA B 292 -8.62 -7.15 -11.31
N ALA B 293 -8.30 -7.37 -10.04
CA ALA B 293 -7.89 -8.69 -9.51
C ALA B 293 -8.76 -9.78 -10.15
N LYS B 294 -10.08 -9.61 -10.18
CA LYS B 294 -11.02 -10.59 -10.78
C LYS B 294 -10.77 -10.73 -12.30
N ALA B 295 -10.69 -9.65 -13.07
CA ALA B 295 -10.40 -9.72 -14.52
C ALA B 295 -9.14 -10.56 -14.76
N VAL B 296 -8.08 -10.36 -13.97
CA VAL B 296 -6.79 -11.10 -14.12
C VAL B 296 -7.07 -12.60 -13.97
N LEU B 297 -7.74 -13.00 -12.88
CA LEU B 297 -7.97 -14.41 -12.49
C LEU B 297 -8.83 -15.13 -13.54
N SER B 298 -9.79 -14.42 -14.17
CA SER B 298 -10.72 -14.97 -15.20
C SER B 298 -9.99 -15.23 -16.52
N VAL B 299 -8.78 -14.70 -16.66
CA VAL B 299 -7.84 -14.95 -17.80
C VAL B 299 -6.81 -16.01 -17.37
N VAL B 300 -6.10 -15.79 -16.26
CA VAL B 300 -5.07 -16.74 -15.74
C VAL B 300 -5.80 -17.91 -15.06
N ASP B 301 -6.27 -18.87 -15.87
CA ASP B 301 -6.72 -20.21 -15.41
C ASP B 301 -5.64 -21.24 -15.73
N ASP B 302 -5.82 -22.49 -15.29
CA ASP B 302 -4.85 -23.60 -15.43
C ASP B 302 -4.21 -23.61 -16.83
N ALA B 303 -5.03 -23.45 -17.89
CA ALA B 303 -4.58 -23.58 -19.29
C ALA B 303 -3.68 -22.38 -19.67
N PHE B 304 -4.07 -21.16 -19.27
CA PHE B 304 -3.23 -19.94 -19.43
C PHE B 304 -1.87 -20.20 -18.77
N CYS B 305 -1.87 -20.82 -17.58
CA CYS B 305 -0.68 -21.20 -16.78
C CYS B 305 0.17 -22.23 -17.55
N ALA B 306 -0.47 -23.21 -18.21
CA ALA B 306 0.20 -24.22 -19.07
C ALA B 306 0.84 -23.51 -20.28
N GLU B 307 0.15 -22.51 -20.82
CA GLU B 307 0.66 -21.65 -21.92
C GLU B 307 1.87 -20.85 -21.43
N VAL B 308 1.89 -20.47 -20.15
CA VAL B 308 3.06 -19.76 -19.57
C VAL B 308 4.28 -20.70 -19.56
N ALA B 309 4.12 -21.92 -19.05
CA ALA B 309 5.21 -22.92 -19.00
C ALA B 309 5.86 -23.05 -20.39
N ARG B 310 5.02 -23.15 -21.43
CA ARG B 310 5.39 -23.41 -22.84
C ARG B 310 6.27 -22.27 -23.38
N LYS B 311 5.77 -21.04 -23.26
CA LYS B 311 6.43 -19.81 -23.73
C LYS B 311 7.80 -19.71 -23.09
N GLY B 312 7.89 -19.98 -21.78
CA GLY B 312 9.14 -20.11 -21.00
C GLY B 312 10.14 -21.04 -21.67
N GLU B 313 9.71 -22.23 -22.08
CA GLU B 313 10.59 -23.24 -22.71
C GLU B 313 11.01 -22.74 -24.09
N LEU B 314 10.18 -21.93 -24.75
CA LEU B 314 10.47 -21.34 -26.09
C LEU B 314 11.56 -20.28 -25.93
N PHE B 315 11.46 -19.40 -24.94
CA PHE B 315 12.60 -18.54 -24.55
C PHE B 315 13.84 -19.44 -24.43
N LYS B 316 13.83 -20.35 -23.47
CA LYS B 316 14.99 -21.23 -23.17
C LYS B 316 15.56 -21.74 -24.50
N GLU B 317 14.70 -22.38 -25.31
CA GLU B 317 15.11 -23.11 -26.56
C GLU B 317 15.81 -22.15 -27.53
N LEU B 318 15.21 -21.00 -27.82
CA LEU B 318 15.69 -20.04 -28.85
C LEU B 318 16.97 -19.37 -28.35
N LEU B 319 17.03 -19.01 -27.06
CA LEU B 319 18.22 -18.39 -26.41
C LEU B 319 19.38 -19.38 -26.32
N ALA B 320 19.12 -20.66 -26.02
CA ALA B 320 20.14 -21.72 -25.94
C ALA B 320 21.07 -21.65 -27.16
N LYS B 321 20.52 -21.24 -28.31
CA LYS B 321 21.22 -21.16 -29.63
C LYS B 321 21.95 -19.82 -29.77
N VAL B 322 21.80 -18.89 -28.82
CA VAL B 322 22.30 -17.50 -28.98
C VAL B 322 23.75 -17.41 -28.48
N ASP B 323 24.58 -16.67 -29.21
CA ASP B 323 26.02 -16.54 -28.93
C ASP B 323 26.14 -15.69 -27.68
N GLY B 324 27.03 -16.08 -26.76
CA GLY B 324 27.28 -15.33 -25.51
C GLY B 324 26.31 -15.67 -24.41
N VAL B 325 25.26 -16.45 -24.72
CA VAL B 325 24.27 -16.94 -23.72
C VAL B 325 24.70 -18.35 -23.32
N VAL B 326 24.83 -18.59 -22.02
CA VAL B 326 25.55 -19.74 -21.39
C VAL B 326 24.55 -20.72 -20.76
N ASP B 327 23.48 -20.22 -20.16
CA ASP B 327 22.31 -21.00 -19.68
C ASP B 327 21.14 -20.02 -19.51
N VAL B 328 19.92 -20.52 -19.37
CA VAL B 328 18.70 -19.74 -19.00
C VAL B 328 18.02 -20.49 -17.86
N ARG B 329 17.84 -19.85 -16.68
CA ARG B 329 17.30 -20.55 -15.50
C ARG B 329 16.00 -19.85 -15.06
N GLY B 330 15.12 -20.60 -14.37
CA GLY B 330 13.75 -20.20 -14.03
C GLY B 330 12.72 -21.14 -14.65
N ARG B 331 11.43 -20.84 -14.44
CA ARG B 331 10.30 -21.52 -15.11
C ARG B 331 9.32 -20.47 -15.63
N GLY B 332 8.49 -20.84 -16.60
CA GLY B 332 7.50 -19.90 -17.16
C GLY B 332 8.20 -18.62 -17.57
N LEU B 333 7.67 -17.47 -17.19
CA LEU B 333 8.15 -16.14 -17.67
C LEU B 333 8.80 -15.36 -16.52
N MET B 334 9.56 -16.06 -15.67
CA MET B 334 10.58 -15.51 -14.75
C MET B 334 11.89 -16.22 -15.07
N LEU B 335 12.75 -15.58 -15.88
CA LEU B 335 13.92 -16.27 -16.50
C LEU B 335 15.19 -15.43 -16.32
N GLY B 336 16.27 -16.13 -15.96
CA GLY B 336 17.63 -15.60 -15.77
C GLY B 336 18.48 -15.98 -16.95
N VAL B 337 18.60 -15.08 -17.94
CA VAL B 337 19.47 -15.29 -19.11
C VAL B 337 20.90 -15.06 -18.62
N VAL B 338 21.71 -16.12 -18.55
CA VAL B 338 23.08 -16.07 -17.96
C VAL B 338 24.08 -15.81 -19.10
N LEU B 339 24.69 -14.63 -19.13
CA LEU B 339 25.76 -14.30 -20.11
C LEU B 339 27.08 -14.93 -19.66
N GLU B 340 28.12 -14.82 -20.48
CA GLU B 340 29.48 -15.32 -20.14
C GLU B 340 30.47 -14.15 -20.13
N ARG B 341 30.00 -12.90 -20.14
CA ARG B 341 30.88 -11.74 -20.41
C ARG B 341 30.61 -10.51 -19.52
N ASP B 342 29.83 -10.63 -18.44
CA ASP B 342 29.63 -9.53 -17.45
C ASP B 342 29.17 -8.25 -18.18
N VAL B 343 28.21 -8.34 -19.11
CA VAL B 343 27.83 -7.21 -20.02
C VAL B 343 26.33 -6.90 -19.90
N ALA B 344 25.61 -7.53 -18.96
CA ALA B 344 24.13 -7.38 -18.82
C ALA B 344 23.77 -5.89 -18.64
N LYS B 345 24.48 -5.19 -17.76
CA LYS B 345 24.24 -3.75 -17.46
C LYS B 345 24.15 -2.99 -18.78
N GLN B 346 25.05 -3.29 -19.73
CA GLN B 346 25.21 -2.62 -21.05
C GLN B 346 24.05 -3.02 -21.97
N ALA B 347 23.85 -4.33 -22.13
CA ALA B 347 22.78 -4.98 -22.92
C ALA B 347 21.45 -4.25 -22.71
N VAL B 348 21.14 -3.91 -21.46
CA VAL B 348 19.92 -3.10 -21.10
C VAL B 348 19.93 -1.83 -21.98
N LEU B 349 20.93 -0.96 -21.81
CA LEU B 349 21.08 0.35 -22.48
C LEU B 349 20.92 0.17 -24.00
N ASP B 350 21.68 -0.77 -24.57
CA ASP B 350 21.68 -1.03 -26.03
C ASP B 350 20.39 -1.76 -26.40
N GLY B 351 19.75 -2.43 -25.43
CA GLY B 351 18.44 -3.09 -25.58
C GLY B 351 17.37 -2.16 -26.13
N PHE B 352 17.30 -0.93 -25.61
CA PHE B 352 16.27 0.07 -25.99
C PHE B 352 16.35 0.36 -27.49
N LYS B 353 17.55 0.59 -28.04
CA LYS B 353 17.79 0.97 -29.46
C LYS B 353 17.39 -0.17 -30.41
N HIS B 354 17.32 -1.40 -29.91
CA HIS B 354 16.90 -2.60 -30.67
C HIS B 354 15.43 -2.95 -30.36
N GLY B 355 14.72 -2.15 -29.56
CA GLY B 355 13.26 -2.28 -29.32
C GLY B 355 12.91 -3.30 -28.24
N VAL B 356 13.71 -3.41 -27.17
CA VAL B 356 13.38 -4.29 -26.02
C VAL B 356 13.71 -3.56 -24.71
N ILE B 357 12.83 -3.73 -23.72
CA ILE B 357 13.03 -3.28 -22.32
C ILE B 357 13.48 -4.49 -21.49
N LEU B 358 14.75 -4.52 -21.11
CA LEU B 358 15.40 -5.62 -20.37
C LEU B 358 15.68 -5.19 -18.94
N ASN B 359 16.20 -6.13 -18.13
CA ASN B 359 16.55 -5.92 -16.70
C ASN B 359 17.87 -6.63 -16.40
N ALA B 360 18.67 -6.12 -15.45
CA ALA B 360 20.01 -6.64 -15.11
C ALA B 360 20.20 -6.74 -13.60
N PRO B 361 19.72 -7.84 -12.95
CA PRO B 361 19.99 -8.08 -11.52
C PRO B 361 21.43 -8.55 -11.23
N ALA B 362 22.32 -8.44 -12.24
CA ALA B 362 23.77 -8.71 -12.13
C ALA B 362 24.47 -8.26 -13.42
N ASP B 363 25.80 -8.44 -13.46
CA ASP B 363 26.66 -8.18 -14.65
C ASP B 363 26.57 -9.41 -15.56
N ASN B 364 26.32 -10.56 -14.95
CA ASN B 364 26.21 -11.90 -15.57
C ASN B 364 24.83 -12.06 -16.26
N ILE B 365 23.75 -11.52 -15.68
CA ILE B 365 22.35 -12.01 -15.89
C ILE B 365 21.44 -10.90 -16.43
N ILE B 366 20.78 -11.14 -17.56
CA ILE B 366 19.55 -10.40 -17.97
C ILE B 366 18.32 -11.17 -17.48
N ARG B 367 17.39 -10.46 -16.82
CA ARG B 367 16.13 -11.05 -16.31
C ARG B 367 14.97 -10.69 -17.22
N LEU B 368 14.15 -11.69 -17.58
CA LEU B 368 12.91 -11.50 -18.38
C LEU B 368 11.71 -11.85 -17.49
N THR B 369 10.84 -10.86 -17.25
CA THR B 369 9.49 -11.02 -16.64
C THR B 369 8.48 -10.29 -17.51
N PRO B 370 8.22 -10.77 -18.74
CA PRO B 370 7.28 -10.09 -19.64
C PRO B 370 5.83 -10.29 -19.24
N PRO B 371 4.89 -9.54 -19.83
CA PRO B 371 3.49 -9.84 -19.61
C PRO B 371 3.21 -11.29 -20.04
N LEU B 372 2.41 -12.02 -19.27
CA LEU B 372 2.21 -13.48 -19.54
C LEU B 372 1.41 -13.69 -20.82
N VAL B 373 0.92 -12.61 -21.41
CA VAL B 373 0.12 -12.67 -22.66
C VAL B 373 1.04 -12.47 -23.87
N ILE B 374 2.34 -12.69 -23.72
CA ILE B 374 3.30 -12.44 -24.84
C ILE B 374 3.05 -13.46 -25.95
N THR B 375 3.18 -13.03 -27.21
CA THR B 375 2.94 -13.95 -28.33
C THR B 375 4.27 -14.58 -28.73
N ASP B 376 4.22 -15.74 -29.38
CA ASP B 376 5.47 -16.45 -29.76
C ASP B 376 6.27 -15.57 -30.72
N GLU B 377 5.58 -14.93 -31.66
CA GLU B 377 6.12 -13.87 -32.55
C GLU B 377 7.01 -12.92 -31.74
N GLU B 378 6.46 -12.35 -30.65
CA GLU B 378 7.08 -11.31 -29.80
C GLU B 378 8.25 -11.92 -29.00
N ILE B 379 8.05 -13.13 -28.48
CA ILE B 379 9.13 -13.93 -27.84
C ILE B 379 10.30 -14.03 -28.83
N ALA B 380 10.01 -14.40 -30.07
CA ALA B 380 10.96 -14.69 -31.18
C ALA B 380 11.72 -13.44 -31.61
N ASP B 381 11.03 -12.30 -31.78
CA ASP B 381 11.66 -10.99 -32.09
C ASP B 381 12.57 -10.59 -30.94
N ALA B 382 12.09 -10.83 -29.71
CA ALA B 382 12.74 -10.42 -28.45
C ALA B 382 14.06 -11.19 -28.32
N VAL B 383 14.06 -12.47 -28.69
CA VAL B 383 15.30 -13.29 -28.68
C VAL B 383 16.23 -12.78 -29.79
N LYS B 384 15.69 -12.21 -30.88
CA LYS B 384 16.48 -11.58 -31.97
C LYS B 384 17.17 -10.31 -31.43
N ALA B 385 16.37 -9.35 -30.94
CA ALA B 385 16.83 -8.08 -30.31
C ALA B 385 18.00 -8.35 -29.37
N ILE B 386 17.83 -9.32 -28.47
CA ILE B 386 18.82 -9.69 -27.40
C ILE B 386 20.08 -10.26 -28.05
N ALA B 387 19.93 -11.11 -29.07
CA ALA B 387 21.04 -11.83 -29.72
C ALA B 387 21.97 -10.85 -30.44
N GLU B 388 21.40 -9.77 -31.00
CA GLU B 388 22.10 -8.73 -31.77
C GLU B 388 22.98 -7.91 -30.83
N THR B 389 22.38 -7.38 -29.75
CA THR B 389 23.07 -6.53 -28.74
C THR B 389 24.34 -7.25 -28.28
N ILE B 390 24.23 -8.54 -27.90
CA ILE B 390 25.37 -9.36 -27.39
C ILE B 390 26.55 -9.23 -28.38
N ALA B 391 26.28 -9.13 -29.69
CA ALA B 391 27.30 -8.95 -30.76
C ALA B 391 28.07 -7.65 -30.57
#